data_6R43
#
_entry.id   6R43
#
_cell.length_a   109.690
_cell.length_b   152.690
_cell.length_c   176.230
_cell.angle_alpha   90.00
_cell.angle_beta   90.00
_cell.angle_gamma   90.00
#
_symmetry.space_group_name_H-M   'I 2 2 2'
#
loop_
_entity.id
_entity.type
_entity.pdbx_description
1 polymer 'Mgp-operon protein 3'
2 branched 'N-acetyl-alpha-neuraminic acid-(2-6)-beta-D-galactopyranose-(1-4)-beta-D-glucopyranose'
3 non-polymer 'POTASSIUM ION'
4 non-polymer 'PHOSPHATE ION'
5 water water
#
_entity_poly.entity_id   1
_entity_poly.type   'polypeptide(L)'
_entity_poly.pdbx_seq_one_letter_code
;ALANTFLVKEDSKNVTAYTPFATPITDSKSDLVSLAQLDSSYQIADQTIHNTNLFVLFKSRDVKVKYESSGSNNISFDST
SQGEKPSYVVEFTNSTNIGIKWTMVKKYQLDVPNVSSDMNQVLKNLILEQPLTKYTLNSSLAKEKGKTQREVHLGSGQAN
QWTSQRNQHDLNNNPSPNASTGFKLTTGNAYRKLSESWPIYEPIDGTKQGKGKDSSGWSSTEENEAKNDAPSVSGGGSSS
GTFNKYLNTKQALESIGILFDDQTPRNVITQLYYASTSKLAVTNNHIVVMGNSFLPSMWYWVVERSAQENASNKPTWFAN
TNLDWGEDKQKQFVENQLGYKETTSTNSHNFHSKSFTQPAYLISGIDSVNDQIIFSGFKAGSVGYDSSSSSSSSSSSTKD
QALAWSTTTSLDSKTGYKDLVTNDTGLNGPINGSFSIQDTFSFVVPYSGNHTNNGTTGPIKTAYPVKKDQKSTVKINSLI
NATPLNSYGDEGIGVFDALGLNYNFKSNQERLPSRTDQIFVYGIVSPNELRSAKSSADSTGSDTKVNWSNTQSRYLPVPY
NYSEGIIDADGFKRPENRGASVTTFSGLKSIAPDGFANSIANFSVGLKAGIDPNPVMSGKKANYGAVVLTRGGVVRLNFN
PGNDSLLSTTDNNIAPISFSFTPFTAAESAVDLTTFKEVTYNQESGLWSYIFDSSLKPSHDGKQTPVTDNMGFSVITVSR
TGIELNQDQATTTLDVAPSALAVQSGIQSTTQTLTGVLPLSEEFSAVIAKDSDQNKIDIYKNNNGLFEIDTQLSNSVATN
NGGLAPSYTENRVDAWGKVEFADNSVLQARNLVDKTVDEIINTPEILNSFFRFTPAFEDQKATLVATKQSDTSLSVSPRI
QFLDGNFYDLNSTIAGVPLNIGFPSRVFAGFAALPA
;
_entity_poly.pdbx_strand_id   A
#
loop_
_chem_comp.id
_chem_comp.type
_chem_comp.name
_chem_comp.formula
BGC D-saccharide, beta linking beta-D-glucopyranose 'C6 H12 O6'
GAL D-saccharide, beta linking beta-D-galactopyranose 'C6 H12 O6'
K non-polymer 'POTASSIUM ION' 'K 1'
PO4 non-polymer 'PHOSPHATE ION' 'O4 P -3'
SIA D-saccharide, alpha linking 'N-acetyl-alpha-neuraminic acid' 'C11 H19 N O9'
#
# COMPACT_ATOMS: atom_id res chain seq x y z
N ALA A 3 13.46 13.43 18.88
CA ALA A 3 13.36 14.53 17.88
C ALA A 3 12.00 15.25 18.00
N ASN A 4 12.05 16.51 18.48
N ASN A 4 11.89 16.49 18.52
CA ASN A 4 10.92 17.47 18.61
CA ASN A 4 10.57 17.22 18.52
C ASN A 4 10.58 18.10 17.23
C ASN A 4 10.36 17.97 17.20
N THR A 5 11.00 17.48 16.12
CA THR A 5 10.85 17.98 14.73
C THR A 5 10.02 17.02 13.84
N PHE A 6 9.70 17.47 12.62
CA PHE A 6 9.01 16.79 11.52
C PHE A 6 9.93 16.83 10.29
N LEU A 7 10.17 15.70 9.62
CA LEU A 7 11.01 15.73 8.41
C LEU A 7 10.09 15.89 7.22
N VAL A 8 10.46 16.75 6.29
CA VAL A 8 9.66 17.07 5.10
C VAL A 8 10.55 16.80 3.90
N LYS A 9 10.07 16.00 2.96
CA LYS A 9 10.77 15.73 1.70
C LYS A 9 10.42 16.91 0.79
N GLU A 10 11.33 17.83 0.55
CA GLU A 10 11.00 19.03 -0.25
C GLU A 10 10.95 18.60 -1.70
N ASP A 11 11.75 17.60 -2.08
CA ASP A 11 11.83 17.13 -3.49
C ASP A 11 12.44 15.72 -3.49
N SER A 12 12.90 15.22 -4.65
CA SER A 12 13.45 13.86 -4.80
C SER A 12 14.77 13.65 -4.01
N LYS A 13 15.44 14.68 -3.46
CA LYS A 13 16.81 14.60 -2.91
C LYS A 13 16.94 15.22 -1.52
N ASN A 14 16.04 16.10 -1.13
CA ASN A 14 16.26 17.05 -0.01
C ASN A 14 15.28 16.77 1.14
N VAL A 15 15.78 16.60 2.34
CA VAL A 15 14.90 16.54 3.53
C VAL A 15 15.25 17.71 4.41
N THR A 16 14.21 18.47 4.78
CA THR A 16 14.33 19.62 5.70
C THR A 16 13.59 19.27 7.00
N ALA A 17 14.11 19.71 8.13
CA ALA A 17 13.48 19.50 9.46
C ALA A 17 12.65 20.73 9.80
N TYR A 18 11.41 20.54 10.25
CA TYR A 18 10.44 21.59 10.61
C TYR A 18 10.14 21.48 12.10
N THR A 19 9.92 22.63 12.73
CA THR A 19 9.46 22.79 14.12
C THR A 19 7.98 22.56 14.12
N PRO A 20 7.37 22.45 15.29
CA PRO A 20 5.91 22.49 15.43
C PRO A 20 5.26 23.80 14.99
N PHE A 21 6.06 24.84 14.77
CA PHE A 21 5.56 26.18 14.34
C PHE A 21 5.54 26.26 12.82
N ALA A 22 5.72 25.11 12.15
CA ALA A 22 5.71 24.97 10.67
C ALA A 22 6.78 25.86 10.03
N THR A 23 7.97 25.96 10.67
CA THR A 23 9.17 26.72 10.22
C THR A 23 10.35 25.76 10.07
N PRO A 24 11.17 25.95 9.03
CA PRO A 24 12.31 25.07 8.80
C PRO A 24 13.36 25.42 9.86
N ILE A 25 14.00 24.39 10.41
CA ILE A 25 15.25 24.54 11.19
C ILE A 25 16.39 24.92 10.24
N THR A 26 17.11 25.99 10.59
CA THR A 26 18.02 26.71 9.67
C THR A 26 19.16 25.78 9.32
N ASP A 27 19.57 25.69 8.07
CA ASP A 27 20.69 24.83 7.64
C ASP A 27 20.32 23.35 7.73
N SER A 28 19.08 22.99 8.06
CA SER A 28 18.74 21.57 8.26
C SER A 28 18.54 20.91 6.90
N LYS A 29 18.29 21.70 5.87
CA LYS A 29 17.88 21.17 4.56
C LYS A 29 19.09 20.50 3.91
N SER A 30 18.95 19.23 3.54
CA SER A 30 20.06 18.32 3.17
C SER A 30 19.67 17.45 1.98
N ASP A 31 20.52 17.52 0.95
CA ASP A 31 20.54 16.61 -0.22
C ASP A 31 21.06 15.25 0.28
N LEU A 32 20.15 14.39 0.74
CA LEU A 32 20.49 13.01 1.19
C LEU A 32 21.08 12.17 0.03
N VAL A 33 20.77 12.46 -1.23
CA VAL A 33 21.39 11.73 -2.36
C VAL A 33 22.89 12.01 -2.39
N SER A 34 23.25 13.29 -2.34
CA SER A 34 24.65 13.76 -2.45
C SER A 34 25.43 13.23 -1.24
N LEU A 35 24.78 13.24 -0.10
CA LEU A 35 25.36 12.81 1.20
C LEU A 35 25.58 11.29 1.19
N ALA A 36 24.80 10.56 0.41
CA ALA A 36 24.91 9.09 0.31
C ALA A 36 26.02 8.74 -0.69
N GLN A 37 26.66 9.77 -1.24
CA GLN A 37 27.72 9.68 -2.29
C GLN A 37 27.17 8.98 -3.54
N LEU A 38 25.85 9.02 -3.72
CA LEU A 38 25.12 8.56 -4.93
C LEU A 38 25.11 9.69 -5.99
N ASP A 39 25.00 9.35 -7.28
CA ASP A 39 25.03 10.35 -8.39
C ASP A 39 23.64 11.00 -8.56
N SER A 40 23.59 12.05 -9.37
CA SER A 40 22.40 12.92 -9.54
C SER A 40 21.22 12.13 -10.16
N SER A 41 21.42 10.93 -10.68
CA SER A 41 20.31 10.07 -11.18
C SER A 41 19.50 9.44 -10.02
N TYR A 42 20.02 9.41 -8.79
CA TYR A 42 19.30 8.76 -7.67
C TYR A 42 18.25 9.73 -7.06
N GLN A 43 17.15 9.13 -6.57
CA GLN A 43 16.08 9.84 -5.83
C GLN A 43 15.67 9.05 -4.60
N ILE A 44 15.15 9.73 -3.59
CA ILE A 44 14.56 9.10 -2.38
C ILE A 44 13.27 8.39 -2.78
N ALA A 45 13.11 7.11 -2.46
CA ALA A 45 11.85 6.34 -2.65
C ALA A 45 11.05 6.34 -1.35
N ASP A 46 11.68 6.16 -0.20
CA ASP A 46 10.98 5.95 1.08
C ASP A 46 12.03 6.22 2.14
N GLN A 47 11.56 6.59 3.31
CA GLN A 47 12.46 6.83 4.47
C GLN A 47 11.73 6.52 5.76
N THR A 48 12.50 6.32 6.81
CA THR A 48 11.94 5.96 8.13
C THR A 48 12.97 6.26 9.22
N ILE A 49 12.44 6.58 10.39
CA ILE A 49 13.21 6.82 11.63
C ILE A 49 13.19 5.53 12.41
N HIS A 50 14.35 5.09 12.89
CA HIS A 50 14.48 3.95 13.82
C HIS A 50 15.53 4.30 14.87
N ASN A 51 15.17 4.29 16.16
CA ASN A 51 16.05 4.73 17.27
C ASN A 51 16.78 6.03 16.88
N THR A 52 16.02 7.04 16.47
CA THR A 52 16.57 8.40 16.24
C THR A 52 17.49 8.48 15.01
N ASN A 53 17.79 7.42 14.27
CA ASN A 53 18.52 7.58 12.97
C ASN A 53 17.57 7.47 11.78
N LEU A 54 17.98 8.08 10.67
CA LEU A 54 17.14 8.21 9.46
C LEU A 54 17.61 7.18 8.44
N PHE A 55 16.71 6.29 8.04
CA PHE A 55 16.96 5.22 7.05
C PHE A 55 16.24 5.56 5.75
N VAL A 56 17.04 5.63 4.67
CA VAL A 56 16.60 6.09 3.33
C VAL A 56 16.84 4.99 2.28
N LEU A 57 15.81 4.73 1.50
CA LEU A 57 15.80 3.88 0.29
C LEU A 57 16.00 4.78 -0.93
N PHE A 58 17.08 4.63 -1.70
CA PHE A 58 17.34 5.36 -2.96
C PHE A 58 17.34 4.41 -4.16
N LYS A 59 16.74 4.83 -5.28
CA LYS A 59 16.77 4.11 -6.57
C LYS A 59 17.12 5.12 -7.66
N SER A 60 17.56 4.61 -8.80
CA SER A 60 18.20 5.35 -9.90
C SER A 60 17.31 5.29 -11.15
N ARG A 61 17.18 6.42 -11.84
CA ARG A 61 16.47 6.55 -13.15
C ARG A 61 17.31 5.93 -14.27
N ASP A 62 18.61 5.65 -14.01
CA ASP A 62 19.57 5.16 -15.03
C ASP A 62 19.64 3.64 -15.00
N VAL A 63 18.95 3.01 -14.04
CA VAL A 63 19.06 1.53 -13.82
C VAL A 63 18.63 0.77 -15.09
N LYS A 64 19.45 -0.19 -15.48
CA LYS A 64 19.14 -1.10 -16.61
C LYS A 64 19.48 -2.53 -16.17
N VAL A 65 18.46 -3.37 -16.10
CA VAL A 65 18.55 -4.82 -15.78
C VAL A 65 18.32 -5.60 -17.07
N LYS A 66 18.79 -6.86 -17.11
CA LYS A 66 18.74 -7.77 -18.27
C LYS A 66 18.29 -9.15 -17.80
N TYR A 67 17.70 -9.94 -18.69
CA TYR A 67 17.48 -11.37 -18.47
C TYR A 67 18.05 -12.09 -19.70
N GLU A 68 19.05 -12.93 -19.49
CA GLU A 68 19.59 -13.86 -20.51
C GLU A 68 19.17 -15.27 -20.07
N SER A 69 18.30 -15.94 -20.82
CA SER A 69 17.72 -17.25 -20.44
C SER A 69 18.80 -18.34 -20.34
N SER A 70 19.96 -18.19 -21.00
CA SER A 70 21.04 -19.21 -21.00
C SER A 70 22.13 -18.79 -20.01
N GLY A 71 23.26 -19.52 -19.96
CA GLY A 71 24.21 -19.45 -18.84
C GLY A 71 23.47 -19.73 -17.54
N SER A 72 23.82 -19.04 -16.45
CA SER A 72 22.97 -19.02 -15.23
C SER A 72 23.28 -17.87 -14.26
N ASN A 73 23.93 -16.76 -14.65
CA ASN A 73 23.82 -15.52 -13.82
C ASN A 73 22.86 -14.59 -14.55
N ASN A 74 21.64 -15.14 -14.73
CA ASN A 74 20.62 -14.83 -15.74
C ASN A 74 20.14 -13.37 -15.59
N ILE A 75 19.79 -12.97 -14.37
CA ILE A 75 19.46 -11.55 -14.05
C ILE A 75 20.79 -10.88 -13.69
N SER A 76 21.09 -9.73 -14.32
CA SER A 76 22.26 -8.87 -14.01
C SER A 76 21.98 -7.42 -14.40
N PHE A 77 22.73 -6.48 -13.85
CA PHE A 77 22.73 -5.07 -14.29
C PHE A 77 23.48 -4.94 -15.62
N ASP A 78 23.15 -3.92 -16.41
CA ASP A 78 23.79 -3.60 -17.69
C ASP A 78 24.94 -2.60 -17.45
N SER A 79 26.15 -3.15 -17.25
CA SER A 79 27.46 -2.46 -17.02
C SER A 79 27.80 -1.53 -18.20
N THR A 80 27.69 -2.03 -19.45
CA THR A 80 27.91 -1.23 -20.68
C THR A 80 27.08 0.05 -20.59
N SER A 81 27.61 1.18 -21.08
CA SER A 81 27.08 2.56 -20.93
C SER A 81 27.22 3.00 -19.47
N GLN A 82 26.11 3.25 -18.77
CA GLN A 82 26.08 3.65 -17.33
C GLN A 82 24.67 3.36 -16.78
N GLY A 83 24.37 2.08 -16.55
CA GLY A 83 23.12 1.57 -15.92
C GLY A 83 23.37 0.52 -14.82
N GLU A 84 24.63 0.31 -14.40
CA GLU A 84 25.03 -0.45 -13.17
C GLU A 84 24.72 0.47 -11.99
N LYS A 85 23.46 0.55 -11.57
CA LYS A 85 22.93 1.58 -10.63
C LYS A 85 21.94 0.92 -9.70
N PRO A 86 22.44 -0.03 -8.89
CA PRO A 86 21.61 -0.76 -7.93
C PRO A 86 21.03 0.24 -6.92
N SER A 87 19.91 -0.13 -6.31
CA SER A 87 19.25 0.74 -5.29
C SER A 87 19.88 0.47 -3.91
N TYR A 88 19.97 1.50 -3.07
CA TYR A 88 20.70 1.51 -1.78
C TYR A 88 19.71 1.81 -0.66
N VAL A 89 19.92 1.22 0.51
CA VAL A 89 19.35 1.76 1.77
C VAL A 89 20.51 2.45 2.47
N VAL A 90 20.27 3.59 3.12
CA VAL A 90 21.38 4.28 3.84
C VAL A 90 20.90 4.69 5.24
N GLU A 91 21.73 4.41 6.24
CA GLU A 91 21.50 4.90 7.62
C GLU A 91 22.28 6.21 7.86
N PHE A 92 21.54 7.27 8.17
CA PHE A 92 22.05 8.60 8.59
C PHE A 92 21.81 8.79 10.09
N THR A 93 22.77 9.39 10.76
CA THR A 93 22.60 9.88 12.16
C THR A 93 22.77 11.39 12.23
N ASN A 94 22.09 12.03 13.19
CA ASN A 94 22.20 13.48 13.41
C ASN A 94 23.44 13.68 14.25
N SER A 95 24.49 14.30 13.72
CA SER A 95 25.79 14.37 14.44
C SER A 95 25.79 15.53 15.45
N THR A 96 25.16 16.69 15.18
CA THR A 96 25.12 17.87 16.09
C THR A 96 24.02 17.71 17.15
N ASN A 97 24.21 18.27 18.34
CA ASN A 97 23.15 18.43 19.37
C ASN A 97 22.51 19.82 19.25
N ILE A 98 23.02 20.70 18.38
CA ILE A 98 22.33 22.00 18.06
C ILE A 98 22.10 22.01 16.55
N GLY A 99 20.85 22.07 16.12
CA GLY A 99 20.47 21.94 14.71
C GLY A 99 20.59 20.50 14.23
N ILE A 100 20.68 20.34 12.90
CA ILE A 100 20.58 19.06 12.15
C ILE A 100 21.79 18.97 11.20
N LYS A 101 22.79 18.13 11.49
CA LYS A 101 23.84 17.83 10.48
C LYS A 101 23.77 16.33 10.20
N TRP A 102 23.01 15.92 9.20
CA TRP A 102 22.95 14.48 8.81
C TRP A 102 24.33 14.12 8.31
N THR A 103 24.84 13.00 8.82
CA THR A 103 26.10 12.36 8.37
C THR A 103 25.85 10.86 8.17
N MET A 104 26.54 10.28 7.19
CA MET A 104 26.26 8.89 6.70
C MET A 104 26.95 7.86 7.62
N VAL A 105 26.23 6.77 7.95
CA VAL A 105 26.64 5.74 8.94
C VAL A 105 26.93 4.43 8.21
N LYS A 106 25.89 3.86 7.60
CA LYS A 106 25.98 2.57 6.87
C LYS A 106 25.21 2.69 5.56
N LYS A 107 25.75 2.07 4.51
CA LYS A 107 25.26 2.10 3.11
C LYS A 107 25.15 0.66 2.61
N TYR A 108 23.96 0.19 2.25
CA TYR A 108 23.73 -1.21 1.79
C TYR A 108 23.24 -1.26 0.32
N GLN A 109 23.95 -1.94 -0.59
CA GLN A 109 23.55 -2.11 -2.01
C GLN A 109 22.48 -3.21 -2.05
N LEU A 110 21.39 -3.03 -2.84
CA LEU A 110 20.36 -4.07 -3.05
C LEU A 110 20.62 -4.78 -4.39
N ASP A 111 21.31 -5.92 -4.33
CA ASP A 111 21.74 -6.68 -5.52
C ASP A 111 20.54 -7.38 -6.16
N VAL A 112 20.80 -7.98 -7.32
CA VAL A 112 19.79 -8.66 -8.19
C VAL A 112 19.69 -10.08 -7.68
N PRO A 113 18.51 -10.71 -7.78
CA PRO A 113 18.35 -12.09 -7.36
C PRO A 113 19.32 -13.07 -8.05
N ASN A 114 20.00 -13.93 -7.27
CA ASN A 114 20.38 -15.28 -7.73
C ASN A 114 19.20 -15.87 -8.54
N VAL A 115 19.48 -16.76 -9.50
CA VAL A 115 18.48 -17.52 -10.26
C VAL A 115 18.96 -18.98 -10.29
N SER A 116 18.22 -19.87 -9.64
CA SER A 116 18.52 -21.31 -9.70
C SER A 116 18.28 -21.81 -11.14
N SER A 117 18.69 -23.05 -11.43
CA SER A 117 18.35 -23.79 -12.67
C SER A 117 16.83 -23.93 -12.73
N ASP A 118 16.22 -24.50 -11.67
CA ASP A 118 14.77 -24.80 -11.63
C ASP A 118 14.04 -23.50 -11.94
N MET A 119 14.45 -22.40 -11.33
CA MET A 119 13.83 -21.05 -11.49
C MET A 119 13.94 -20.57 -12.95
N ASN A 120 15.15 -20.56 -13.51
CA ASN A 120 15.46 -20.05 -14.88
C ASN A 120 14.68 -20.83 -15.95
N GLN A 121 14.28 -22.06 -15.67
CA GLN A 121 13.43 -22.85 -16.60
C GLN A 121 12.00 -22.26 -16.61
N VAL A 122 11.49 -21.79 -15.48
CA VAL A 122 10.18 -21.09 -15.43
C VAL A 122 10.36 -19.70 -16.10
N LEU A 123 11.44 -19.01 -15.76
CA LEU A 123 11.69 -17.61 -16.17
C LEU A 123 11.84 -17.53 -17.69
N LYS A 124 12.49 -18.53 -18.29
CA LYS A 124 12.67 -18.70 -19.77
C LYS A 124 11.40 -18.22 -20.50
N ASN A 125 10.25 -18.73 -20.05
CA ASN A 125 8.94 -18.56 -20.72
C ASN A 125 7.96 -17.83 -19.80
N LEU A 126 8.46 -17.20 -18.76
CA LEU A 126 7.62 -16.35 -17.90
C LEU A 126 7.20 -15.15 -18.76
N ILE A 127 5.90 -14.84 -18.72
CA ILE A 127 5.31 -13.70 -19.46
C ILE A 127 4.47 -12.83 -18.50
N LEU A 128 4.57 -11.51 -18.65
CA LEU A 128 3.97 -10.54 -17.68
C LEU A 128 3.07 -9.48 -18.39
N GLU A 129 1.83 -9.32 -17.91
CA GLU A 129 0.83 -8.30 -18.33
C GLU A 129 1.36 -6.88 -18.15
N GLN A 130 1.01 -5.99 -19.07
CA GLN A 130 1.32 -4.53 -19.05
C GLN A 130 0.62 -3.88 -17.85
N PRO A 131 1.37 -3.05 -17.12
CA PRO A 131 0.87 -2.50 -15.86
C PRO A 131 -0.46 -1.73 -15.96
N LEU A 132 -1.31 -1.89 -14.95
CA LEU A 132 -2.60 -1.19 -14.88
C LEU A 132 -2.27 0.26 -14.58
N THR A 133 -3.01 1.20 -15.14
CA THR A 133 -2.88 2.64 -14.82
C THR A 133 -4.25 3.22 -14.53
N LYS A 134 -4.21 4.41 -13.95
CA LYS A 134 -5.30 5.42 -13.85
C LYS A 134 -6.34 5.26 -14.95
N TYR A 135 -5.85 5.11 -16.18
CA TYR A 135 -6.63 5.29 -17.44
C TYR A 135 -6.98 3.92 -18.07
N THR A 136 -6.65 2.79 -17.43
CA THR A 136 -7.05 1.43 -17.89
C THR A 136 -8.56 1.24 -17.67
N LEU A 137 -9.30 0.79 -18.69
CA LEU A 137 -10.78 0.60 -18.61
C LEU A 137 -11.12 -0.87 -18.36
N ASN A 138 -12.27 -1.11 -17.72
CA ASN A 138 -12.90 -2.44 -17.58
C ASN A 138 -12.69 -3.18 -18.91
N SER A 139 -12.92 -2.48 -20.02
CA SER A 139 -12.85 -3.08 -21.36
C SER A 139 -11.39 -3.25 -21.83
N SER A 140 -10.43 -2.51 -21.29
CA SER A 140 -9.00 -2.68 -21.61
C SER A 140 -8.53 -4.02 -21.04
N LEU A 141 -9.05 -4.39 -19.87
CA LEU A 141 -8.58 -5.58 -19.07
C LEU A 141 -9.11 -6.87 -19.77
N ALA A 142 -10.44 -6.94 -19.88
CA ALA A 142 -11.26 -7.94 -20.61
C ALA A 142 -10.46 -8.64 -21.73
N LYS A 143 -10.49 -9.98 -21.74
CA LYS A 143 -9.73 -10.81 -22.71
C LYS A 143 -10.68 -11.83 -23.33
N GLU A 144 -10.34 -12.28 -24.54
CA GLU A 144 -11.25 -13.14 -25.35
C GLU A 144 -11.44 -14.48 -24.63
N LYS A 145 -12.69 -14.94 -24.52
CA LYS A 145 -13.07 -16.16 -23.75
C LYS A 145 -12.43 -17.37 -24.43
N GLY A 146 -11.80 -18.24 -23.63
CA GLY A 146 -11.11 -19.46 -24.10
C GLY A 146 -12.07 -20.62 -24.27
N LYS A 147 -11.50 -21.80 -24.52
CA LYS A 147 -12.23 -23.07 -24.77
C LYS A 147 -12.99 -23.52 -23.52
N THR A 148 -14.13 -24.16 -23.73
CA THR A 148 -14.93 -24.85 -22.68
C THR A 148 -14.22 -26.15 -22.26
N GLN A 149 -14.50 -26.59 -21.02
CA GLN A 149 -13.85 -27.76 -20.40
C GLN A 149 -14.09 -28.93 -21.35
N ARG A 150 -15.29 -29.00 -21.92
CA ARG A 150 -15.72 -30.15 -22.74
C ARG A 150 -15.19 -30.05 -24.19
N GLU A 151 -14.74 -28.88 -24.65
CA GLU A 151 -14.02 -28.71 -25.96
C GLU A 151 -12.58 -29.20 -25.78
N VAL A 152 -11.93 -28.77 -24.70
CA VAL A 152 -10.52 -29.12 -24.36
C VAL A 152 -10.29 -30.63 -24.43
N HIS A 153 -11.27 -31.37 -23.91
CA HIS A 153 -11.19 -32.81 -23.58
C HIS A 153 -11.76 -33.62 -24.74
N LEU A 154 -13.08 -33.58 -24.94
CA LEU A 154 -13.82 -34.37 -25.95
C LEU A 154 -13.59 -33.75 -27.33
N GLY A 155 -13.77 -32.43 -27.45
CA GLY A 155 -13.41 -31.65 -28.66
C GLY A 155 -14.59 -31.02 -29.38
N SER A 156 -14.35 -30.67 -30.65
CA SER A 156 -15.37 -30.36 -31.69
C SER A 156 -16.16 -31.65 -31.97
N GLY A 157 -17.44 -31.61 -31.61
CA GLY A 157 -18.21 -32.72 -31.02
C GLY A 157 -19.11 -32.19 -29.91
N GLN A 158 -19.66 -33.08 -29.07
CA GLN A 158 -21.00 -32.87 -28.47
C GLN A 158 -20.97 -33.06 -26.95
N ALA A 159 -21.94 -32.42 -26.29
CA ALA A 159 -22.29 -32.54 -24.85
C ALA A 159 -23.48 -33.49 -24.70
N ASN A 160 -23.79 -34.23 -25.77
CA ASN A 160 -24.67 -35.42 -25.75
C ASN A 160 -23.85 -36.61 -25.21
N GLN A 161 -22.52 -36.51 -25.30
CA GLN A 161 -21.55 -37.57 -24.85
C GLN A 161 -20.84 -37.11 -23.57
N TRP A 162 -21.18 -35.94 -23.02
CA TRP A 162 -20.53 -35.34 -21.82
C TRP A 162 -20.62 -36.29 -20.63
N THR A 163 -21.74 -37.01 -20.52
CA THR A 163 -22.04 -37.88 -19.35
C THR A 163 -21.44 -39.29 -19.60
N SER A 164 -21.26 -39.72 -20.86
CA SER A 164 -20.61 -41.01 -21.24
C SER A 164 -19.09 -40.96 -21.01
N GLN A 165 -18.50 -39.74 -21.01
CA GLN A 165 -17.05 -39.50 -21.31
C GLN A 165 -16.30 -38.93 -20.12
N ARG A 166 -16.96 -38.19 -19.22
CA ARG A 166 -16.30 -37.32 -18.19
C ARG A 166 -15.58 -38.19 -17.14
N ASN A 167 -15.92 -39.47 -17.05
CA ASN A 167 -15.20 -40.45 -16.18
C ASN A 167 -13.83 -40.79 -16.78
N GLN A 168 -13.72 -40.85 -18.12
CA GLN A 168 -12.46 -41.19 -18.85
C GLN A 168 -11.51 -39.98 -18.92
N HIS A 169 -11.82 -38.84 -18.25
CA HIS A 169 -10.95 -37.64 -18.15
C HIS A 169 -10.94 -37.09 -16.71
N ASP A 170 -11.34 -37.92 -15.75
CA ASP A 170 -11.31 -37.65 -14.28
C ASP A 170 -12.23 -36.46 -13.96
N LEU A 171 -13.30 -36.29 -14.73
CA LEU A 171 -14.34 -35.24 -14.52
C LEU A 171 -15.66 -35.90 -14.11
N ASN A 172 -15.62 -36.84 -13.18
CA ASN A 172 -16.83 -37.60 -12.73
C ASN A 172 -17.81 -36.59 -12.11
N ASN A 173 -19.09 -36.66 -12.50
CA ASN A 173 -20.24 -35.90 -11.92
C ASN A 173 -20.10 -34.39 -12.16
N ASN A 174 -19.19 -33.99 -13.05
CA ASN A 174 -18.95 -32.56 -13.37
C ASN A 174 -20.14 -32.05 -14.18
N PRO A 175 -20.95 -31.11 -13.65
CA PRO A 175 -22.11 -30.59 -14.36
C PRO A 175 -21.83 -29.40 -15.30
N SER A 176 -20.56 -29.15 -15.64
CA SER A 176 -20.06 -27.87 -16.20
C SER A 176 -19.23 -28.12 -17.46
N PRO A 177 -19.84 -28.67 -18.52
CA PRO A 177 -19.15 -28.87 -19.81
C PRO A 177 -18.76 -27.53 -20.45
N ASN A 178 -19.45 -26.44 -20.07
CA ASN A 178 -19.30 -25.08 -20.65
C ASN A 178 -18.71 -24.12 -19.62
N ALA A 179 -18.08 -24.66 -18.56
CA ALA A 179 -17.17 -23.87 -17.70
C ALA A 179 -16.01 -23.44 -18.58
N SER A 180 -15.48 -22.25 -18.33
CA SER A 180 -14.37 -21.68 -19.11
C SER A 180 -13.04 -22.22 -18.55
N THR A 181 -12.14 -22.61 -19.46
CA THR A 181 -10.75 -23.04 -19.18
C THR A 181 -9.82 -21.83 -19.23
N GLY A 182 -10.24 -20.71 -19.81
CA GLY A 182 -9.65 -19.42 -19.43
C GLY A 182 -9.82 -18.38 -20.50
N PHE A 183 -8.71 -17.81 -20.98
CA PHE A 183 -8.75 -16.62 -21.86
C PHE A 183 -7.56 -16.62 -22.85
N LYS A 184 -7.80 -16.01 -24.02
CA LYS A 184 -6.90 -16.03 -25.21
C LYS A 184 -5.82 -14.96 -25.06
N LEU A 185 -4.60 -15.26 -25.50
CA LEU A 185 -3.45 -14.33 -25.40
C LEU A 185 -3.06 -13.85 -26.81
N THR A 186 -3.92 -14.05 -27.80
CA THR A 186 -3.78 -13.53 -29.20
C THR A 186 -4.33 -12.08 -29.30
N THR A 187 -5.34 -11.73 -28.50
CA THR A 187 -5.82 -10.34 -28.30
C THR A 187 -5.67 -9.95 -26.82
N GLY A 188 -5.31 -8.68 -26.57
CA GLY A 188 -5.59 -7.85 -25.38
C GLY A 188 -4.38 -7.08 -24.82
N ASN A 189 -4.44 -6.79 -23.52
CA ASN A 189 -3.25 -6.26 -22.81
C ASN A 189 -2.02 -7.04 -23.26
N ALA A 190 -0.93 -6.34 -23.54
CA ALA A 190 0.35 -6.96 -23.96
C ALA A 190 0.89 -7.82 -22.81
N TYR A 191 1.23 -9.07 -23.08
CA TYR A 191 2.07 -9.89 -22.15
C TYR A 191 3.47 -9.95 -22.76
N ARG A 192 4.50 -9.89 -21.92
CA ARG A 192 5.91 -9.81 -22.38
C ARG A 192 6.82 -10.58 -21.42
N LYS A 193 7.85 -11.22 -22.01
CA LYS A 193 8.94 -11.90 -21.27
C LYS A 193 9.77 -10.84 -20.53
N LEU A 194 10.70 -11.28 -19.68
CA LEU A 194 11.56 -10.41 -18.84
C LEU A 194 12.47 -9.54 -19.74
N SER A 195 12.79 -10.00 -20.96
CA SER A 195 13.83 -9.38 -21.82
C SER A 195 13.19 -8.42 -22.82
N GLU A 196 11.85 -8.42 -22.88
CA GLU A 196 11.02 -7.58 -23.82
C GLU A 196 10.58 -6.28 -23.12
N SER A 197 9.86 -5.42 -23.83
CA SER A 197 9.34 -4.10 -23.37
C SER A 197 7.80 -4.05 -23.54
N TRP A 198 7.05 -3.65 -22.51
CA TRP A 198 5.62 -3.27 -22.64
C TRP A 198 5.47 -2.07 -23.58
N PRO A 199 4.28 -1.90 -24.21
CA PRO A 199 3.98 -0.76 -25.05
C PRO A 199 3.42 0.44 -24.27
N ILE A 200 3.43 1.60 -24.91
CA ILE A 200 2.82 2.81 -24.30
C ILE A 200 1.31 2.81 -24.58
N TYR A 201 0.83 1.98 -25.52
CA TYR A 201 -0.59 1.91 -25.96
C TYR A 201 -1.30 0.79 -25.19
N GLU A 202 -2.52 1.05 -24.73
CA GLU A 202 -3.44 0.11 -24.04
C GLU A 202 -4.65 -0.03 -24.94
N PRO A 203 -5.21 -1.23 -25.21
CA PRO A 203 -6.41 -1.34 -26.02
C PRO A 203 -7.65 -0.84 -25.25
N ILE A 204 -8.59 -0.15 -25.93
CA ILE A 204 -9.89 0.26 -25.32
C ILE A 204 -10.77 -0.99 -25.13
N ASP A 205 -10.88 -1.84 -26.17
CA ASP A 205 -11.58 -3.17 -26.07
C ASP A 205 -10.55 -4.31 -26.23
N GLY A 206 -10.03 -4.89 -25.15
CA GLY A 206 -8.92 -5.88 -25.25
C GLY A 206 -9.35 -7.23 -25.83
N THR A 207 -10.64 -7.55 -25.69
CA THR A 207 -11.48 -8.50 -26.46
C THR A 207 -11.23 -8.42 -27.97
N LYS A 208 -10.92 -7.25 -28.53
CA LYS A 208 -10.69 -7.06 -29.99
C LYS A 208 -9.27 -6.53 -30.28
N GLN A 209 -8.77 -5.58 -29.50
CA GLN A 209 -7.74 -4.58 -29.95
C GLN A 209 -6.34 -4.92 -29.43
N GLY A 210 -6.16 -5.85 -28.52
CA GLY A 210 -4.75 -6.06 -28.15
C GLY A 210 -4.08 -7.04 -29.11
N LYS A 211 -2.79 -7.30 -28.94
CA LYS A 211 -2.14 -8.53 -29.48
C LYS A 211 -1.82 -9.53 -28.34
N GLY A 212 -2.21 -9.27 -27.09
CA GLY A 212 -1.83 -10.11 -25.94
C GLY A 212 -0.33 -10.40 -25.93
N LYS A 213 0.03 -11.68 -25.92
CA LYS A 213 1.43 -12.20 -25.88
C LYS A 213 2.02 -12.32 -27.29
N ASP A 214 1.25 -11.96 -28.31
CA ASP A 214 1.67 -11.95 -29.74
C ASP A 214 2.64 -10.78 -29.97
N SER A 215 3.69 -10.67 -29.14
CA SER A 215 4.97 -9.94 -29.38
C SER A 215 5.18 -9.66 -30.87
N SER A 216 5.44 -10.71 -31.64
CA SER A 216 5.89 -10.63 -33.06
C SER A 216 4.82 -9.92 -33.90
N GLY A 217 3.54 -10.27 -33.66
CA GLY A 217 2.35 -9.67 -34.31
C GLY A 217 2.18 -8.20 -33.97
N TRP A 218 2.37 -7.84 -32.71
CA TRP A 218 2.27 -6.43 -32.27
C TRP A 218 3.15 -5.56 -33.18
N SER A 219 4.42 -5.94 -33.37
CA SER A 219 5.50 -5.01 -33.83
C SER A 219 5.53 -4.92 -35.35
N SER A 220 4.94 -5.87 -36.07
CA SER A 220 4.95 -5.87 -37.55
C SER A 220 3.58 -5.44 -38.10
N THR A 221 2.49 -5.67 -37.36
CA THR A 221 1.11 -5.22 -37.69
C THR A 221 0.69 -4.13 -36.71
N GLU A 222 0.23 -4.51 -35.53
CA GLU A 222 -0.81 -3.74 -34.80
C GLU A 222 -0.19 -2.53 -34.11
N GLU A 223 1.15 -2.41 -34.05
CA GLU A 223 1.82 -1.27 -33.34
C GLU A 223 1.67 0.02 -34.15
N ASN A 224 1.65 -0.06 -35.50
CA ASN A 224 1.55 1.12 -36.41
C ASN A 224 0.13 1.70 -36.32
N GLU A 225 -0.85 0.81 -36.16
CA GLU A 225 -2.29 1.12 -35.98
C GLU A 225 -2.47 1.93 -34.70
N ALA A 226 -2.12 1.31 -33.56
CA ALA A 226 -2.05 1.97 -32.23
C ALA A 226 -1.40 3.34 -32.35
N LYS A 227 -0.21 3.41 -32.97
CA LYS A 227 0.58 4.68 -33.09
C LYS A 227 -0.25 5.70 -33.91
N ASN A 228 -0.82 5.32 -35.06
CA ASN A 228 -1.55 6.30 -35.92
C ASN A 228 -2.85 6.76 -35.22
N ASP A 229 -3.56 5.83 -34.56
CA ASP A 229 -4.80 6.07 -33.74
C ASP A 229 -4.54 6.95 -32.50
N ALA A 230 -3.39 6.78 -31.83
CA ALA A 230 -3.11 7.34 -30.48
C ALA A 230 -1.72 7.97 -30.39
N PRO A 231 -1.39 8.95 -31.26
CA PRO A 231 -0.03 9.47 -31.36
C PRO A 231 0.35 10.23 -30.08
N SER A 232 1.55 10.04 -29.55
CA SER A 232 2.04 10.86 -28.39
C SER A 232 1.79 12.34 -28.71
N VAL A 233 1.47 13.17 -27.72
CA VAL A 233 1.36 14.65 -27.92
C VAL A 233 2.69 15.16 -28.52
N SER A 234 2.68 16.34 -29.14
CA SER A 234 3.88 17.04 -29.71
C SER A 234 3.47 18.48 -30.08
N GLY A 235 3.56 19.40 -29.11
CA GLY A 235 2.94 20.74 -29.16
C GLY A 235 3.87 21.82 -29.70
N SER A 239 -0.33 17.63 -32.59
CA SER A 239 -0.64 16.35 -33.31
C SER A 239 -2.15 16.05 -33.22
N SER A 240 -2.60 15.54 -32.06
CA SER A 240 -4.00 15.18 -31.70
C SER A 240 -4.58 14.17 -32.70
N GLY A 241 -5.12 13.05 -32.19
CA GLY A 241 -5.74 11.98 -32.97
C GLY A 241 -7.02 11.49 -32.30
N THR A 242 -7.51 10.33 -32.73
CA THR A 242 -8.93 9.91 -32.58
C THR A 242 -9.15 8.99 -31.36
N PHE A 243 -8.15 8.20 -30.95
CA PHE A 243 -8.24 7.31 -29.78
C PHE A 243 -9.57 6.52 -29.85
N ASN A 244 -9.75 5.82 -30.97
CA ASN A 244 -10.94 4.99 -31.27
C ASN A 244 -10.74 3.59 -30.72
N LYS A 245 -9.48 3.12 -30.71
CA LYS A 245 -9.14 1.69 -30.49
C LYS A 245 -8.09 1.52 -29.38
N TYR A 246 -7.33 2.58 -29.04
CA TYR A 246 -6.16 2.54 -28.11
C TYR A 246 -5.97 3.85 -27.35
N LEU A 247 -5.92 3.77 -26.01
CA LEU A 247 -5.38 4.86 -25.18
C LEU A 247 -3.86 4.85 -25.33
N ASN A 248 -3.25 6.02 -25.09
CA ASN A 248 -1.79 6.22 -25.02
C ASN A 248 -1.49 6.76 -23.62
N THR A 249 -0.93 5.91 -22.75
CA THR A 249 -0.79 6.10 -21.30
C THR A 249 0.68 6.38 -20.94
N LYS A 250 1.53 6.77 -21.89
CA LYS A 250 2.99 6.98 -21.64
C LYS A 250 3.24 7.82 -20.37
N GLN A 251 2.56 8.96 -20.21
CA GLN A 251 2.83 9.87 -19.07
C GLN A 251 2.28 9.22 -17.80
N ALA A 252 1.11 8.58 -17.85
CA ALA A 252 0.51 7.82 -16.72
C ALA A 252 1.49 6.73 -16.28
N LEU A 253 2.15 6.06 -17.24
CA LEU A 253 3.28 5.09 -17.09
C LEU A 253 4.49 5.71 -16.36
N GLU A 254 5.06 6.82 -16.86
CA GLU A 254 6.17 7.56 -16.18
C GLU A 254 5.79 7.83 -14.72
N SER A 255 4.58 8.32 -14.50
CA SER A 255 3.95 8.62 -13.19
C SER A 255 4.11 7.47 -12.21
N ILE A 256 3.76 6.25 -12.60
CA ILE A 256 3.80 5.08 -11.67
C ILE A 256 5.19 4.45 -11.60
N GLY A 257 6.25 5.10 -12.10
CA GLY A 257 7.63 4.62 -12.00
C GLY A 257 8.11 3.72 -13.12
N ILE A 258 7.41 3.65 -14.28
CA ILE A 258 7.97 3.01 -15.51
C ILE A 258 9.05 3.91 -16.12
N LEU A 259 10.21 3.35 -16.46
CA LEU A 259 11.42 4.05 -17.02
C LEU A 259 11.53 3.83 -18.54
N PHE A 260 12.27 4.72 -19.21
CA PHE A 260 12.20 5.01 -20.66
C PHE A 260 13.56 5.44 -21.19
N ASP A 261 13.97 4.83 -22.31
CA ASP A 261 14.94 5.39 -23.30
C ASP A 261 14.09 6.07 -24.38
N ASP A 262 14.00 7.40 -24.32
CA ASP A 262 13.12 8.25 -25.17
C ASP A 262 11.66 7.81 -24.95
N GLN A 263 10.97 7.33 -26.01
CA GLN A 263 9.53 7.01 -26.04
C GLN A 263 9.25 5.52 -25.76
N THR A 264 10.29 4.67 -25.66
CA THR A 264 10.17 3.20 -25.42
C THR A 264 10.42 2.89 -23.95
N PRO A 265 9.51 2.19 -23.22
CA PRO A 265 9.82 1.70 -21.89
C PRO A 265 10.99 0.69 -21.94
N ARG A 266 11.76 0.61 -20.86
CA ARG A 266 12.85 -0.39 -20.70
C ARG A 266 12.19 -1.74 -20.46
N ASN A 267 13.00 -2.79 -20.48
CA ASN A 267 12.55 -4.19 -20.36
C ASN A 267 11.81 -4.39 -19.02
N VAL A 268 11.05 -5.47 -18.94
CA VAL A 268 10.14 -5.85 -17.83
C VAL A 268 10.95 -6.05 -16.54
N ILE A 269 12.05 -6.80 -16.66
CA ILE A 269 12.95 -7.15 -15.54
C ILE A 269 13.42 -5.85 -14.88
N THR A 270 13.67 -4.81 -15.68
CA THR A 270 14.12 -3.48 -15.20
C THR A 270 12.97 -2.83 -14.43
N GLN A 271 11.79 -2.79 -15.01
CA GLN A 271 10.63 -2.18 -14.35
C GLN A 271 10.33 -3.03 -13.10
N LEU A 272 10.54 -4.35 -13.14
CA LEU A 272 10.33 -5.20 -11.93
C LEU A 272 11.30 -4.77 -10.82
N TYR A 273 12.60 -4.65 -11.11
CA TYR A 273 13.63 -4.25 -10.13
C TYR A 273 13.31 -2.86 -9.58
N TYR A 274 13.12 -1.87 -10.46
CA TYR A 274 12.87 -0.45 -10.10
C TYR A 274 11.66 -0.37 -9.19
N ALA A 275 10.58 -1.12 -9.42
CA ALA A 275 9.37 -1.10 -8.56
C ALA A 275 9.69 -1.82 -7.27
N SER A 276 10.41 -2.95 -7.37
CA SER A 276 10.73 -3.83 -6.22
C SER A 276 11.40 -3.02 -5.10
N THR A 277 12.16 -1.96 -5.39
CA THR A 277 12.91 -1.17 -4.37
C THR A 277 12.13 0.13 -4.10
N SER A 278 10.92 0.02 -3.54
CA SER A 278 10.03 1.21 -3.38
C SER A 278 9.77 1.54 -1.90
N LYS A 279 9.66 0.55 -1.00
CA LYS A 279 9.27 0.74 0.42
C LYS A 279 10.27 0.08 1.37
N LEU A 280 10.44 0.63 2.58
CA LEU A 280 11.42 0.05 3.55
C LEU A 280 10.85 0.02 4.97
N ALA A 281 11.45 -0.80 5.81
CA ALA A 281 11.13 -0.91 7.22
C ALA A 281 12.40 -1.41 7.92
N VAL A 282 12.55 -1.06 9.20
CA VAL A 282 13.81 -1.24 9.98
C VAL A 282 13.45 -1.79 11.38
N THR A 283 14.16 -2.86 11.76
CA THR A 283 14.10 -3.50 13.08
C THR A 283 15.49 -3.42 13.70
N ASN A 284 15.66 -3.84 14.95
CA ASN A 284 17.01 -3.90 15.59
C ASN A 284 17.97 -4.68 14.65
N ASN A 285 17.52 -5.77 14.03
CA ASN A 285 18.42 -6.66 13.26
C ASN A 285 18.35 -6.41 11.74
N HIS A 286 17.23 -5.94 11.21
CA HIS A 286 17.06 -5.95 9.74
C HIS A 286 16.54 -4.65 9.12
N ILE A 287 16.92 -4.51 7.85
CA ILE A 287 16.24 -3.68 6.82
C ILE A 287 15.56 -4.63 5.83
N VAL A 288 14.24 -4.48 5.70
CA VAL A 288 13.41 -5.15 4.67
C VAL A 288 12.93 -4.10 3.65
N VAL A 289 13.02 -4.47 2.38
CA VAL A 289 12.69 -3.66 1.17
C VAL A 289 11.75 -4.46 0.25
N MET A 290 10.63 -3.84 -0.06
CA MET A 290 9.51 -4.39 -0.85
C MET A 290 9.10 -3.39 -1.93
N GLY A 291 8.22 -3.83 -2.84
CA GLY A 291 7.83 -3.11 -4.06
C GLY A 291 6.61 -2.26 -3.81
N ASN A 292 6.18 -1.56 -4.85
CA ASN A 292 5.09 -0.57 -4.77
C ASN A 292 3.76 -1.28 -5.09
N SER A 293 2.64 -0.56 -5.12
CA SER A 293 1.25 -1.03 -5.28
C SER A 293 0.90 -1.07 -6.76
N PHE A 294 1.81 -0.52 -7.58
CA PHE A 294 1.66 -0.30 -9.05
C PHE A 294 2.06 -1.54 -9.86
N LEU A 295 3.28 -2.07 -9.83
CA LEU A 295 3.70 -3.35 -10.49
C LEU A 295 3.65 -4.48 -9.47
N PRO A 296 3.40 -5.74 -9.92
CA PRO A 296 3.74 -6.91 -9.14
C PRO A 296 5.25 -6.89 -8.87
N SER A 297 5.63 -7.36 -7.69
CA SER A 297 7.02 -7.59 -7.22
C SER A 297 7.18 -9.10 -7.06
N MET A 298 8.36 -9.60 -7.44
CA MET A 298 8.61 -11.06 -7.41
C MET A 298 9.70 -11.34 -6.37
N TRP A 299 10.24 -10.32 -5.73
CA TRP A 299 11.26 -10.56 -4.71
C TRP A 299 11.27 -9.40 -3.72
N TYR A 300 11.74 -9.67 -2.52
CA TYR A 300 11.95 -8.71 -1.43
C TYR A 300 13.32 -8.96 -0.79
N TRP A 301 13.84 -7.95 -0.11
CA TRP A 301 15.16 -7.96 0.55
C TRP A 301 14.99 -8.07 2.06
N VAL A 302 15.71 -9.01 2.65
CA VAL A 302 16.11 -8.99 4.07
C VAL A 302 17.62 -8.77 4.12
N VAL A 303 17.97 -7.53 4.42
CA VAL A 303 19.35 -7.06 4.74
C VAL A 303 19.53 -7.22 6.25
N GLU A 304 20.59 -7.94 6.61
CA GLU A 304 21.17 -8.00 7.97
C GLU A 304 21.91 -6.68 8.23
N ARG A 305 21.43 -5.87 9.19
CA ARG A 305 22.09 -4.58 9.53
C ARG A 305 23.56 -4.80 9.90
N SER A 306 23.95 -6.04 10.28
CA SER A 306 25.36 -6.38 10.54
C SER A 306 26.17 -6.41 9.24
N ALA A 307 25.53 -6.51 8.06
CA ALA A 307 26.19 -6.71 6.74
C ALA A 307 27.44 -5.81 6.58
N GLN A 308 28.60 -6.43 6.34
CA GLN A 308 29.89 -5.76 6.01
C GLN A 308 29.68 -4.66 4.95
N GLU A 309 30.60 -3.71 4.92
CA GLU A 309 30.37 -2.30 4.47
C GLU A 309 30.04 -2.26 2.97
N ASN A 310 30.60 -3.20 2.20
CA ASN A 310 30.74 -3.13 0.73
C ASN A 310 30.23 -4.45 0.11
N ALA A 311 29.18 -5.04 0.71
CA ALA A 311 28.60 -6.36 0.40
C ALA A 311 27.52 -6.23 -0.69
N SER A 312 26.88 -7.32 -1.09
CA SER A 312 25.75 -7.26 -2.06
C SER A 312 24.56 -8.05 -1.50
N ASN A 313 23.63 -7.38 -0.82
CA ASN A 313 22.51 -8.05 -0.10
C ASN A 313 21.56 -8.62 -1.15
N LYS A 314 21.08 -9.83 -0.91
CA LYS A 314 20.37 -10.66 -1.92
C LYS A 314 18.89 -10.67 -1.57
N PRO A 315 18.05 -10.59 -2.62
CA PRO A 315 16.61 -10.68 -2.45
C PRO A 315 16.16 -12.16 -2.44
N THR A 316 15.12 -12.41 -1.66
CA THR A 316 14.38 -13.68 -1.51
C THR A 316 13.21 -13.61 -2.50
N TRP A 317 13.02 -14.65 -3.33
CA TRP A 317 11.84 -14.84 -4.22
C TRP A 317 10.58 -15.16 -3.39
N PHE A 318 9.44 -14.63 -3.82
CA PHE A 318 8.11 -14.94 -3.22
C PHE A 318 7.68 -16.36 -3.61
N ALA A 319 8.15 -16.82 -4.78
CA ALA A 319 7.95 -18.22 -5.25
C ALA A 319 8.65 -19.19 -4.29
N ASN A 320 9.62 -18.71 -3.51
CA ASN A 320 10.32 -19.53 -2.48
C ASN A 320 9.78 -19.17 -1.09
N THR A 321 8.73 -18.34 -0.97
CA THR A 321 8.19 -17.88 0.34
C THR A 321 6.79 -18.45 0.55
N ASN A 322 6.65 -19.60 1.19
CA ASN A 322 5.32 -20.15 1.58
C ASN A 322 4.71 -19.19 2.59
N LEU A 323 3.46 -18.77 2.36
CA LEU A 323 2.56 -18.13 3.33
C LEU A 323 1.54 -19.14 3.86
N ASP A 324 1.02 -18.94 5.08
CA ASP A 324 -0.27 -19.51 5.52
C ASP A 324 -1.39 -18.60 5.00
N TRP A 325 -2.19 -19.10 4.06
CA TRP A 325 -3.39 -18.47 3.48
C TRP A 325 -4.63 -18.73 4.34
N GLY A 326 -4.51 -19.27 5.56
CA GLY A 326 -5.64 -19.42 6.51
C GLY A 326 -6.00 -20.88 6.76
N GLU A 327 -5.83 -21.71 5.73
CA GLU A 327 -6.13 -23.17 5.64
C GLU A 327 -5.32 -23.71 4.45
N ASP A 328 -4.92 -25.00 4.43
CA ASP A 328 -4.01 -25.55 3.39
C ASP A 328 -4.71 -25.46 2.02
N LYS A 329 -6.02 -25.70 2.03
CA LYS A 329 -6.86 -25.69 0.81
C LYS A 329 -6.65 -24.37 0.07
N GLN A 330 -6.73 -23.25 0.79
CA GLN A 330 -6.60 -21.89 0.20
C GLN A 330 -5.25 -21.80 -0.51
N LYS A 331 -4.20 -22.45 0.03
CA LYS A 331 -2.88 -22.51 -0.66
C LYS A 331 -3.05 -23.30 -1.95
N GLN A 332 -3.67 -24.47 -1.85
CA GLN A 332 -3.81 -25.43 -2.98
C GLN A 332 -4.54 -24.75 -4.14
N PHE A 333 -5.55 -23.93 -3.82
CA PHE A 333 -6.41 -23.25 -4.82
C PHE A 333 -5.51 -22.44 -5.73
N VAL A 334 -4.65 -21.65 -5.10
CA VAL A 334 -3.71 -20.71 -5.74
C VAL A 334 -2.66 -21.50 -6.50
N GLU A 335 -2.14 -22.58 -5.92
CA GLU A 335 -1.00 -23.34 -6.49
C GLU A 335 -1.49 -24.23 -7.64
N ASN A 336 -2.68 -24.79 -7.50
CA ASN A 336 -3.30 -25.61 -8.57
C ASN A 336 -3.42 -24.74 -9.82
N GLN A 337 -3.87 -23.50 -9.68
CA GLN A 337 -4.13 -22.66 -10.86
C GLN A 337 -2.82 -21.99 -11.37
N LEU A 338 -1.69 -22.11 -10.67
CA LEU A 338 -0.39 -21.54 -11.13
C LEU A 338 0.06 -22.20 -12.44
N GLY A 339 -0.12 -23.53 -12.59
CA GLY A 339 0.09 -24.30 -13.84
C GLY A 339 -0.13 -25.81 -13.70
N TYR A 340 0.11 -26.56 -14.77
CA TYR A 340 0.04 -28.05 -14.86
C TYR A 340 1.29 -28.69 -14.22
N LYS A 341 1.13 -29.51 -13.17
CA LYS A 341 2.20 -30.39 -12.59
C LYS A 341 2.15 -31.78 -13.25
N GLU A 342 3.29 -32.39 -13.61
CA GLU A 342 3.33 -33.81 -14.13
C GLU A 342 4.76 -34.38 -14.09
N THR A 343 4.90 -35.66 -13.78
CA THR A 343 6.17 -36.42 -13.95
C THR A 343 6.25 -36.83 -15.43
N THR A 344 5.11 -36.83 -16.14
CA THR A 344 4.97 -37.42 -17.50
C THR A 344 5.38 -36.41 -18.58
N SER A 345 5.31 -35.09 -18.35
CA SER A 345 5.58 -34.07 -19.40
C SER A 345 7.04 -33.59 -19.39
N THR A 346 7.40 -32.87 -20.45
CA THR A 346 8.75 -32.66 -21.04
C THR A 346 8.87 -31.17 -21.39
N ASN A 347 9.78 -30.43 -20.76
CA ASN A 347 10.04 -29.03 -21.18
C ASN A 347 8.85 -28.13 -20.83
N SER A 348 7.74 -28.68 -20.28
CA SER A 348 6.49 -27.96 -19.89
C SER A 348 6.59 -27.32 -18.50
N HIS A 349 7.44 -26.31 -18.31
CA HIS A 349 7.84 -25.75 -16.97
C HIS A 349 7.07 -24.50 -16.58
N ASN A 350 6.51 -24.51 -15.37
CA ASN A 350 5.80 -23.38 -14.72
C ASN A 350 6.07 -23.41 -13.21
N PHE A 351 5.66 -22.37 -12.46
CA PHE A 351 5.92 -22.24 -11.01
C PHE A 351 5.39 -23.49 -10.30
N HIS A 352 4.22 -23.99 -10.71
CA HIS A 352 3.58 -25.17 -10.08
C HIS A 352 4.35 -26.45 -10.39
N SER A 353 4.74 -26.64 -11.65
CA SER A 353 5.44 -27.88 -12.13
C SER A 353 6.82 -28.00 -11.48
N LYS A 354 7.42 -26.91 -10.99
CA LYS A 354 8.76 -26.93 -10.38
C LYS A 354 8.64 -26.67 -8.88
N SER A 355 7.42 -26.76 -8.33
CA SER A 355 7.12 -26.85 -6.88
C SER A 355 7.46 -25.52 -6.18
N PHE A 356 7.28 -24.41 -6.89
CA PHE A 356 7.22 -23.03 -6.34
C PHE A 356 5.78 -22.72 -5.94
N THR A 357 5.61 -21.68 -5.16
CA THR A 357 4.29 -21.18 -4.69
C THR A 357 4.02 -19.80 -5.33
N GLN A 358 2.94 -19.13 -4.92
CA GLN A 358 2.46 -17.83 -5.48
C GLN A 358 3.67 -16.94 -5.75
N PRO A 359 3.98 -16.57 -7.01
CA PRO A 359 5.24 -15.91 -7.33
C PRO A 359 5.29 -14.39 -7.22
N ALA A 360 4.16 -13.70 -7.06
CA ALA A 360 4.13 -12.22 -7.22
C ALA A 360 3.01 -11.57 -6.39
N TYR A 361 3.34 -10.50 -5.69
CA TYR A 361 2.34 -9.70 -4.94
C TYR A 361 2.35 -8.25 -5.45
N LEU A 362 1.19 -7.62 -5.37
CA LEU A 362 1.05 -6.14 -5.46
C LEU A 362 1.05 -5.62 -4.02
N ILE A 363 2.23 -5.20 -3.55
CA ILE A 363 2.48 -4.96 -2.10
C ILE A 363 1.92 -3.58 -1.71
N SER A 364 1.19 -3.54 -0.59
CA SER A 364 0.53 -2.32 -0.08
C SER A 364 1.60 -1.39 0.52
N GLY A 365 2.64 -1.99 1.06
CA GLY A 365 3.70 -1.32 1.84
C GLY A 365 4.15 -2.18 3.00
N ILE A 366 4.94 -1.61 3.91
CA ILE A 366 5.66 -2.45 4.90
C ILE A 366 6.01 -1.57 6.08
N ASP A 367 5.91 -2.09 7.31
CA ASP A 367 6.24 -1.33 8.54
C ASP A 367 6.87 -2.27 9.59
N SER A 368 7.40 -1.70 10.69
CA SER A 368 7.96 -2.43 11.85
C SER A 368 7.23 -1.97 13.12
N VAL A 369 6.86 -2.89 14.00
CA VAL A 369 6.41 -2.63 15.40
C VAL A 369 7.19 -3.58 16.27
N ASN A 370 7.81 -3.09 17.34
CA ASN A 370 8.66 -3.95 18.20
C ASN A 370 9.70 -4.54 17.24
N ASP A 371 9.91 -5.85 17.15
CA ASP A 371 10.95 -6.28 16.20
C ASP A 371 10.27 -7.12 15.11
N GLN A 372 9.18 -6.58 14.61
CA GLN A 372 8.27 -7.32 13.72
C GLN A 372 8.05 -6.50 12.45
N ILE A 373 8.09 -7.15 11.29
CA ILE A 373 7.73 -6.58 9.98
C ILE A 373 6.28 -6.96 9.77
N ILE A 374 5.40 -5.97 9.60
CA ILE A 374 4.04 -6.17 9.02
C ILE A 374 4.11 -5.80 7.54
N PHE A 375 3.53 -6.65 6.70
CA PHE A 375 3.19 -6.36 5.30
C PHE A 375 1.74 -6.80 5.03
N SER A 376 1.27 -6.38 3.86
CA SER A 376 -0.03 -6.73 3.28
C SER A 376 0.08 -6.48 1.77
N GLY A 377 -0.92 -6.95 1.02
CA GLY A 377 -1.04 -6.65 -0.41
C GLY A 377 -2.01 -7.55 -1.11
N PHE A 378 -2.04 -7.51 -2.43
CA PHE A 378 -2.95 -8.31 -3.27
C PHE A 378 -2.10 -9.40 -3.94
N LYS A 379 -2.61 -10.62 -3.88
CA LYS A 379 -2.17 -11.72 -4.75
C LYS A 379 -2.30 -11.24 -6.20
N ALA A 380 -1.15 -11.06 -6.85
CA ALA A 380 -1.07 -10.83 -8.31
C ALA A 380 -1.44 -12.14 -9.03
N GLY A 381 -2.50 -12.12 -9.82
CA GLY A 381 -2.89 -13.26 -10.65
C GLY A 381 -1.70 -13.92 -11.30
N SER A 382 -1.53 -15.21 -11.04
CA SER A 382 -0.61 -16.07 -11.81
C SER A 382 -1.30 -17.40 -12.17
N VAL A 383 -1.24 -17.68 -13.47
CA VAL A 383 -1.79 -18.91 -14.09
C VAL A 383 -0.82 -19.44 -15.16
N GLY A 384 -0.97 -20.73 -15.47
CA GLY A 384 -0.39 -21.41 -16.65
C GLY A 384 -1.01 -20.90 -17.94
N TYR A 385 -0.27 -21.05 -19.03
CA TYR A 385 -0.70 -20.73 -20.42
C TYR A 385 -0.01 -21.69 -21.39
N ASP A 386 -0.78 -22.21 -22.35
CA ASP A 386 -0.32 -23.16 -23.39
C ASP A 386 0.47 -22.36 -24.44
N SER A 387 1.81 -22.43 -24.39
CA SER A 387 2.74 -21.81 -25.39
C SER A 387 3.08 -22.80 -26.51
N SER A 388 2.31 -23.89 -26.63
CA SER A 388 2.46 -24.95 -27.67
C SER A 388 2.53 -24.35 -29.07
N SER A 389 3.12 -25.14 -29.98
CA SER A 389 3.33 -24.83 -31.42
C SER A 389 2.98 -26.07 -32.29
N SER A 390 2.24 -25.88 -33.38
CA SER A 390 2.03 -26.88 -34.47
C SER A 390 1.04 -26.35 -35.51
N SER A 395 -2.33 -30.25 -32.66
CA SER A 395 -3.41 -29.31 -33.07
C SER A 395 -3.98 -28.60 -31.82
N SER A 396 -3.15 -28.48 -30.77
CA SER A 396 -3.47 -28.08 -29.36
C SER A 396 -4.67 -27.14 -29.32
N SER A 397 -5.77 -27.55 -28.66
CA SER A 397 -7.07 -26.82 -28.64
C SER A 397 -6.94 -25.52 -27.83
N THR A 398 -6.20 -25.54 -26.73
CA THR A 398 -5.98 -24.37 -25.82
C THR A 398 -4.74 -23.58 -26.24
N LYS A 399 -4.31 -23.62 -27.49
CA LYS A 399 -3.05 -22.97 -27.93
C LYS A 399 -3.18 -21.47 -27.68
N ASP A 400 -2.10 -20.81 -27.29
CA ASP A 400 -2.08 -19.33 -27.06
C ASP A 400 -3.15 -18.94 -26.03
N GLN A 401 -3.64 -19.88 -25.21
CA GLN A 401 -4.71 -19.63 -24.20
C GLN A 401 -4.12 -19.72 -22.80
N ALA A 402 -4.51 -18.78 -21.95
CA ALA A 402 -4.30 -18.83 -20.49
C ALA A 402 -5.30 -19.85 -19.89
N LEU A 403 -4.87 -20.54 -18.85
CA LEU A 403 -5.65 -21.62 -18.20
C LEU A 403 -6.04 -21.14 -16.80
N ALA A 404 -7.26 -20.63 -16.71
CA ALA A 404 -7.82 -19.92 -15.54
C ALA A 404 -9.30 -20.23 -15.44
N TRP A 405 -9.82 -20.23 -14.20
CA TRP A 405 -11.24 -20.53 -13.91
C TRP A 405 -11.63 -19.85 -12.59
N SER A 406 -12.88 -19.37 -12.51
CA SER A 406 -13.56 -19.02 -11.24
C SER A 406 -13.36 -20.17 -10.26
N THR A 407 -13.15 -19.83 -9.00
CA THR A 407 -12.93 -20.79 -7.89
C THR A 407 -13.93 -20.43 -6.80
N THR A 408 -15.08 -19.88 -7.21
CA THR A 408 -16.04 -19.25 -6.28
C THR A 408 -16.89 -20.38 -5.69
N THR A 409 -17.08 -20.35 -4.36
CA THR A 409 -17.77 -21.36 -3.51
C THR A 409 -19.19 -21.59 -4.05
N SER A 410 -19.64 -22.85 -4.15
CA SER A 410 -20.99 -23.23 -4.65
C SER A 410 -22.07 -22.66 -3.74
N LEU A 411 -23.34 -22.71 -4.19
CA LEU A 411 -24.49 -22.16 -3.42
C LEU A 411 -24.76 -23.03 -2.19
N ASP A 412 -24.67 -24.37 -2.36
CA ASP A 412 -25.13 -25.39 -1.38
C ASP A 412 -24.15 -25.46 -0.20
N SER A 413 -23.04 -24.73 -0.26
CA SER A 413 -21.92 -24.81 0.70
C SER A 413 -22.44 -24.49 2.09
N LYS A 414 -22.30 -25.42 3.03
CA LYS A 414 -22.57 -25.19 4.47
C LYS A 414 -21.93 -23.84 4.79
N THR A 415 -22.64 -22.91 5.43
CA THR A 415 -22.18 -21.49 5.54
C THR A 415 -21.03 -21.45 6.56
N GLY A 416 -20.75 -20.33 7.24
CA GLY A 416 -19.63 -20.23 8.20
C GLY A 416 -18.29 -20.21 7.47
N TYR A 417 -17.36 -19.33 7.85
CA TYR A 417 -16.20 -18.91 6.99
C TYR A 417 -15.39 -20.15 6.58
N LYS A 418 -14.92 -20.92 7.58
CA LYS A 418 -14.05 -22.12 7.44
C LYS A 418 -14.52 -23.00 6.30
N ASP A 419 -15.80 -23.36 6.35
CA ASP A 419 -16.47 -24.16 5.31
C ASP A 419 -16.33 -23.45 3.97
N LEU A 420 -16.57 -22.13 3.94
CA LEU A 420 -16.68 -21.37 2.67
C LEU A 420 -15.35 -21.44 1.92
N VAL A 421 -14.27 -21.20 2.65
CA VAL A 421 -12.91 -21.07 2.06
C VAL A 421 -12.27 -22.47 1.90
N THR A 422 -12.79 -23.51 2.56
CA THR A 422 -12.32 -24.92 2.34
C THR A 422 -13.29 -25.73 1.48
N ASN A 423 -14.27 -25.09 0.84
CA ASN A 423 -15.20 -25.78 -0.07
C ASN A 423 -14.39 -26.31 -1.25
N ASP A 424 -14.64 -27.55 -1.67
CA ASP A 424 -13.84 -28.28 -2.70
C ASP A 424 -14.14 -27.69 -4.09
N THR A 425 -15.02 -26.68 -4.21
CA THR A 425 -15.54 -26.13 -5.51
C THR A 425 -14.43 -25.43 -6.30
N GLY A 426 -14.16 -25.91 -7.53
CA GLY A 426 -13.18 -25.36 -8.48
C GLY A 426 -11.73 -25.68 -8.12
N LEU A 427 -11.45 -26.68 -7.26
CA LEU A 427 -10.13 -26.85 -6.59
C LEU A 427 -9.06 -27.22 -7.63
N ASN A 428 -9.35 -28.12 -8.58
CA ASN A 428 -8.32 -28.68 -9.49
C ASN A 428 -8.62 -28.27 -10.95
N GLY A 429 -9.77 -27.62 -11.19
CA GLY A 429 -10.20 -27.20 -12.54
C GLY A 429 -11.55 -26.48 -12.59
N PRO A 430 -11.93 -25.99 -13.80
CA PRO A 430 -13.22 -25.35 -14.05
C PRO A 430 -14.45 -26.09 -13.53
N ILE A 431 -15.46 -25.33 -13.09
CA ILE A 431 -16.75 -25.78 -12.50
C ILE A 431 -17.83 -24.69 -12.65
N ASN A 432 -17.45 -23.44 -12.96
CA ASN A 432 -18.33 -22.24 -12.87
C ASN A 432 -18.53 -21.61 -14.26
N GLY A 433 -19.76 -21.12 -14.49
CA GLY A 433 -20.19 -20.48 -15.74
C GLY A 433 -21.57 -19.91 -15.59
N SER A 434 -22.61 -20.61 -16.05
CA SER A 434 -24.03 -20.18 -16.03
C SER A 434 -24.96 -21.38 -15.83
N PHE A 435 -25.98 -21.20 -14.98
CA PHE A 435 -26.87 -22.25 -14.40
C PHE A 435 -28.27 -21.69 -14.21
N SER A 436 -29.24 -22.14 -15.02
CA SER A 436 -30.69 -21.90 -14.85
C SER A 436 -31.36 -23.17 -14.30
N ILE A 437 -31.28 -23.31 -12.97
CA ILE A 437 -32.15 -24.21 -12.13
C ILE A 437 -33.58 -23.65 -12.16
N GLN A 438 -34.58 -24.51 -12.39
CA GLN A 438 -36.03 -24.17 -12.28
C GLN A 438 -36.33 -22.88 -13.06
N ASP A 439 -35.88 -21.72 -12.54
CA ASP A 439 -35.96 -20.35 -13.13
C ASP A 439 -35.22 -19.34 -12.23
N THR A 440 -34.07 -19.72 -11.65
CA THR A 440 -33.27 -18.89 -10.70
C THR A 440 -31.80 -18.86 -11.13
N PHE A 441 -31.42 -17.93 -12.02
CA PHE A 441 -30.10 -17.86 -12.67
C PHE A 441 -29.03 -17.79 -11.58
N SER A 442 -27.86 -18.34 -11.88
CA SER A 442 -26.65 -18.26 -11.03
C SER A 442 -25.42 -18.72 -11.83
N PHE A 443 -24.29 -18.02 -11.62
CA PHE A 443 -22.98 -18.26 -12.28
C PHE A 443 -22.22 -19.37 -11.57
N VAL A 444 -22.54 -19.57 -10.29
CA VAL A 444 -21.83 -20.47 -9.35
C VAL A 444 -22.58 -21.80 -9.33
N VAL A 445 -21.85 -22.92 -9.24
CA VAL A 445 -22.44 -24.30 -9.21
C VAL A 445 -23.40 -24.34 -8.04
N PRO A 446 -24.61 -24.90 -8.22
CA PRO A 446 -25.62 -24.89 -7.16
C PRO A 446 -25.36 -25.90 -6.04
N TYR A 447 -24.44 -26.86 -6.24
CA TYR A 447 -24.08 -27.95 -5.27
C TYR A 447 -22.63 -28.43 -5.52
N SER A 448 -21.91 -28.75 -4.43
CA SER A 448 -20.52 -29.27 -4.44
C SER A 448 -20.31 -30.25 -3.27
N THR A 456 -27.36 -38.84 -6.95
CA THR A 456 -25.89 -38.64 -6.75
C THR A 456 -25.20 -40.02 -6.89
N THR A 457 -24.28 -40.17 -7.85
CA THR A 457 -23.49 -41.41 -8.16
C THR A 457 -22.30 -41.51 -7.19
N GLY A 458 -21.68 -40.35 -6.91
CA GLY A 458 -20.62 -40.09 -5.91
C GLY A 458 -20.30 -38.59 -5.87
N PRO A 459 -19.12 -38.16 -5.36
CA PRO A 459 -18.82 -36.74 -5.23
C PRO A 459 -18.24 -36.14 -6.53
N ILE A 460 -18.43 -34.82 -6.70
CA ILE A 460 -18.07 -34.02 -7.91
C ILE A 460 -16.55 -33.93 -8.03
N LYS A 461 -16.01 -34.22 -9.23
CA LYS A 461 -14.55 -34.17 -9.54
C LYS A 461 -14.28 -32.98 -10.45
N THR A 462 -13.25 -32.19 -10.12
CA THR A 462 -12.67 -31.14 -10.98
C THR A 462 -11.26 -31.58 -11.43
N ALA A 463 -10.87 -31.20 -12.64
CA ALA A 463 -9.61 -31.55 -13.31
C ALA A 463 -9.07 -30.32 -14.06
N TYR A 464 -7.74 -30.27 -14.19
CA TYR A 464 -6.95 -29.24 -14.92
C TYR A 464 -7.12 -29.41 -16.43
N PRO A 465 -7.54 -28.33 -17.15
CA PRO A 465 -7.93 -28.44 -18.55
C PRO A 465 -6.72 -28.57 -19.49
N VAL A 466 -6.04 -29.71 -19.38
CA VAL A 466 -5.06 -30.25 -20.36
C VAL A 466 -5.46 -31.70 -20.62
N LYS A 467 -6.03 -32.00 -21.78
CA LYS A 467 -6.58 -33.34 -22.16
C LYS A 467 -5.50 -34.43 -21.97
N LYS A 468 -5.88 -35.55 -21.35
CA LYS A 468 -5.00 -36.74 -21.06
C LYS A 468 -4.06 -37.10 -22.24
N ASP A 469 -4.50 -36.98 -23.50
CA ASP A 469 -3.73 -37.37 -24.74
C ASP A 469 -2.48 -36.51 -24.93
N GLN A 470 -2.65 -35.21 -24.77
CA GLN A 470 -1.60 -34.19 -25.01
C GLN A 470 -0.78 -34.00 -23.73
N LYS A 471 -1.05 -34.74 -22.63
CA LYS A 471 -0.40 -34.60 -21.28
C LYS A 471 1.13 -34.65 -21.40
N SER A 472 1.67 -35.46 -22.31
CA SER A 472 3.12 -35.67 -22.56
C SER A 472 3.69 -34.51 -23.41
N THR A 473 3.00 -34.15 -24.49
CA THR A 473 3.51 -33.27 -25.58
C THR A 473 3.19 -31.79 -25.32
N VAL A 474 2.51 -31.42 -24.21
CA VAL A 474 1.93 -30.05 -24.04
C VAL A 474 2.98 -29.15 -23.39
N LYS A 475 2.86 -27.83 -23.59
CA LYS A 475 3.82 -26.81 -23.08
C LYS A 475 3.07 -25.76 -22.25
N ILE A 476 2.91 -25.98 -20.94
CA ILE A 476 2.20 -25.01 -20.05
C ILE A 476 3.23 -24.24 -19.25
N ASN A 477 3.34 -22.95 -19.60
CA ASN A 477 4.29 -21.99 -19.00
C ASN A 477 3.52 -21.00 -18.11
N SER A 478 4.24 -20.29 -17.24
CA SER A 478 3.64 -19.40 -16.20
C SER A 478 3.54 -17.97 -16.76
N LEU A 479 2.44 -17.27 -16.44
CA LEU A 479 2.37 -15.79 -16.61
C LEU A 479 1.96 -15.10 -15.29
N ILE A 480 2.15 -13.79 -15.25
CA ILE A 480 1.71 -12.90 -14.13
C ILE A 480 0.90 -11.72 -14.71
N ASN A 481 -0.27 -11.47 -14.12
CA ASN A 481 -1.18 -10.33 -14.42
C ASN A 481 -0.68 -9.01 -13.76
N ALA A 482 -1.32 -7.90 -14.08
CA ALA A 482 -0.95 -6.53 -13.69
C ALA A 482 -1.82 -6.13 -12.48
N THR A 483 -2.66 -7.09 -12.08
CA THR A 483 -3.81 -6.91 -11.17
C THR A 483 -4.06 -8.16 -10.35
N PRO A 484 -4.99 -8.10 -9.36
CA PRO A 484 -5.38 -9.23 -8.53
C PRO A 484 -6.35 -10.28 -9.10
N LEU A 485 -6.81 -10.11 -10.35
CA LEU A 485 -7.65 -11.11 -11.09
C LEU A 485 -6.73 -12.15 -11.72
N ASN A 486 -7.04 -13.44 -11.47
CA ASN A 486 -6.51 -14.61 -12.21
C ASN A 486 -7.15 -14.62 -13.58
N SER A 487 -8.46 -14.46 -13.60
CA SER A 487 -9.34 -14.79 -14.75
C SER A 487 -9.90 -13.54 -15.43
N TYR A 488 -9.46 -13.25 -16.67
CA TYR A 488 -9.85 -12.07 -17.50
C TYR A 488 -10.98 -12.42 -18.49
N GLY A 489 -11.45 -13.67 -18.46
CA GLY A 489 -12.45 -14.15 -19.43
C GLY A 489 -13.71 -13.32 -19.42
N ASP A 490 -14.12 -12.86 -20.60
CA ASP A 490 -15.24 -11.91 -20.76
C ASP A 490 -16.58 -12.62 -20.60
N GLU A 491 -16.79 -13.36 -19.51
CA GLU A 491 -18.10 -13.93 -19.12
C GLU A 491 -18.55 -13.30 -17.78
N GLY A 492 -19.86 -13.32 -17.54
CA GLY A 492 -20.59 -12.78 -16.37
C GLY A 492 -20.03 -13.20 -15.02
N ILE A 493 -19.45 -14.40 -14.87
CA ILE A 493 -18.89 -14.88 -13.57
C ILE A 493 -17.68 -14.02 -13.20
N GLY A 494 -16.86 -13.65 -14.19
CA GLY A 494 -15.71 -12.74 -14.04
C GLY A 494 -16.11 -11.43 -13.38
N VAL A 495 -17.18 -10.75 -13.85
CA VAL A 495 -17.65 -9.47 -13.24
C VAL A 495 -18.01 -9.75 -11.78
N PHE A 496 -18.88 -10.74 -11.56
CA PHE A 496 -19.42 -11.08 -10.22
C PHE A 496 -18.26 -11.45 -9.28
N ASP A 497 -17.25 -12.16 -9.78
CA ASP A 497 -16.06 -12.56 -8.99
C ASP A 497 -15.38 -11.26 -8.55
N ALA A 498 -15.19 -10.31 -9.48
CA ALA A 498 -14.34 -9.10 -9.28
C ALA A 498 -15.09 -8.10 -8.39
N LEU A 499 -16.41 -8.10 -8.42
CA LEU A 499 -17.24 -7.07 -7.75
C LEU A 499 -17.86 -7.58 -6.44
N GLY A 500 -17.73 -8.86 -6.11
CA GLY A 500 -18.22 -9.38 -4.83
C GLY A 500 -19.72 -9.60 -4.86
N LEU A 501 -20.24 -10.12 -5.98
CA LEU A 501 -21.70 -10.12 -6.27
C LEU A 501 -22.30 -11.52 -6.30
N ASN A 502 -21.51 -12.59 -6.12
CA ASN A 502 -22.02 -13.99 -5.99
C ASN A 502 -22.58 -14.16 -4.57
N TYR A 503 -23.86 -14.54 -4.42
CA TYR A 503 -24.52 -14.76 -3.10
C TYR A 503 -25.30 -16.10 -3.12
N ASN A 504 -25.24 -16.82 -1.98
CA ASN A 504 -26.10 -18.00 -1.70
C ASN A 504 -27.55 -17.51 -1.57
N PHE A 505 -28.50 -18.44 -1.60
CA PHE A 505 -29.95 -18.14 -1.50
C PHE A 505 -30.49 -18.68 -0.17
N LYS A 506 -29.69 -18.70 0.90
CA LYS A 506 -30.15 -19.24 2.21
C LYS A 506 -30.71 -18.10 3.06
N SER A 507 -31.25 -18.47 4.23
CA SER A 507 -31.80 -17.56 5.26
C SER A 507 -30.66 -16.76 5.91
N ASN A 508 -29.65 -16.33 5.14
CA ASN A 508 -28.70 -15.27 5.57
C ASN A 508 -28.06 -14.57 4.36
N GLN A 509 -27.88 -15.28 3.25
CA GLN A 509 -27.28 -14.77 1.98
C GLN A 509 -25.84 -14.28 2.25
N GLU A 510 -25.00 -15.09 2.89
CA GLU A 510 -23.55 -14.81 3.08
C GLU A 510 -22.89 -14.89 1.69
N ARG A 511 -21.98 -13.97 1.39
CA ARG A 511 -21.45 -13.78 0.01
C ARG A 511 -20.42 -14.87 -0.26
N LEU A 512 -20.48 -15.47 -1.44
CA LEU A 512 -19.63 -16.62 -1.85
C LEU A 512 -18.26 -16.12 -2.34
N PRO A 513 -17.18 -16.43 -1.59
CA PRO A 513 -15.83 -15.99 -1.95
C PRO A 513 -15.18 -16.75 -3.11
N SER A 514 -14.29 -16.09 -3.86
CA SER A 514 -13.25 -16.77 -4.69
C SER A 514 -12.04 -17.00 -3.79
N ARG A 515 -11.11 -17.87 -4.20
CA ARG A 515 -9.81 -18.04 -3.49
C ARG A 515 -8.65 -17.84 -4.49
N THR A 516 -8.96 -17.41 -5.73
CA THR A 516 -7.94 -17.07 -6.75
C THR A 516 -8.05 -15.63 -7.28
N ASP A 517 -9.21 -15.00 -7.21
CA ASP A 517 -9.43 -13.65 -7.80
C ASP A 517 -9.60 -12.66 -6.66
N GLN A 518 -8.81 -11.60 -6.63
CA GLN A 518 -9.09 -10.48 -5.71
C GLN A 518 -8.67 -10.93 -4.30
N ILE A 519 -7.56 -11.68 -4.20
CA ILE A 519 -7.11 -12.26 -2.90
C ILE A 519 -6.12 -11.32 -2.20
N PHE A 520 -6.54 -10.74 -1.06
CA PHE A 520 -5.67 -9.91 -0.19
C PHE A 520 -4.95 -10.84 0.78
N VAL A 521 -3.73 -10.43 1.12
CA VAL A 521 -2.68 -11.19 1.83
C VAL A 521 -2.02 -10.22 2.81
N TYR A 522 -1.91 -10.59 4.09
CA TYR A 522 -1.19 -9.81 5.11
C TYR A 522 -0.49 -10.78 6.04
N GLY A 523 0.48 -10.27 6.80
CA GLY A 523 1.03 -11.05 7.92
C GLY A 523 1.87 -10.21 8.83
N ILE A 524 2.40 -10.84 9.89
CA ILE A 524 3.44 -10.29 10.79
C ILE A 524 4.62 -11.26 10.74
N VAL A 525 5.82 -10.78 10.42
CA VAL A 525 6.98 -11.65 10.12
C VAL A 525 8.02 -11.52 11.24
N SER A 526 8.37 -12.62 11.93
CA SER A 526 9.30 -12.58 13.09
C SER A 526 10.75 -12.44 12.62
N PRO A 527 11.72 -12.08 13.48
CA PRO A 527 13.12 -11.97 13.03
C PRO A 527 13.77 -13.29 12.58
N ASN A 528 13.36 -14.42 13.16
CA ASN A 528 13.78 -15.77 12.69
C ASN A 528 13.28 -16.00 11.26
N GLU A 529 12.09 -15.46 10.93
CA GLU A 529 11.42 -15.70 9.63
C GLU A 529 12.18 -14.95 8.54
N LEU A 530 12.57 -13.71 8.86
CA LEU A 530 13.43 -12.83 8.03
C LEU A 530 14.79 -13.50 7.91
N ARG A 531 15.16 -14.30 8.91
CA ARG A 531 16.47 -14.99 8.91
C ARG A 531 16.43 -16.10 7.86
N SER A 532 15.33 -16.86 7.74
CA SER A 532 15.20 -17.93 6.68
C SER A 532 15.27 -17.25 5.32
N ALA A 533 14.53 -16.13 5.17
CA ALA A 533 14.40 -15.44 3.88
C ALA A 533 15.80 -15.09 3.39
N LYS A 534 16.63 -14.56 4.29
CA LYS A 534 18.03 -14.20 3.95
C LYS A 534 18.76 -15.48 3.51
N SER A 535 18.46 -16.58 4.21
CA SER A 535 18.97 -17.94 3.91
C SER A 535 18.47 -18.39 2.53
N SER A 536 17.20 -18.18 2.18
CA SER A 536 16.69 -18.55 0.83
C SER A 536 17.51 -17.80 -0.23
N ALA A 537 17.69 -16.50 -0.01
CA ALA A 537 18.36 -15.56 -0.92
C ALA A 537 19.87 -15.85 -1.05
N ASP A 538 20.50 -16.53 -0.09
CA ASP A 538 21.98 -16.78 -0.17
C ASP A 538 22.26 -18.23 -0.62
N SER A 539 21.29 -19.13 -0.42
CA SER A 539 21.25 -20.54 -0.89
C SER A 539 22.23 -20.76 -2.04
N THR A 540 23.22 -21.63 -1.84
CA THR A 540 24.07 -22.18 -2.93
C THR A 540 23.15 -23.01 -3.83
N GLY A 541 23.35 -22.96 -5.14
CA GLY A 541 22.91 -24.02 -6.08
C GLY A 541 21.41 -24.05 -6.27
N SER A 542 20.66 -24.69 -5.35
CA SER A 542 19.21 -24.99 -5.47
C SER A 542 18.37 -23.96 -4.70
N ASP A 543 17.05 -23.94 -4.91
CA ASP A 543 16.12 -23.00 -4.22
C ASP A 543 15.79 -23.57 -2.83
N THR A 544 16.28 -22.90 -1.79
CA THR A 544 15.92 -23.02 -0.35
C THR A 544 14.56 -22.34 -0.15
N LYS A 545 13.72 -22.83 0.78
CA LYS A 545 12.35 -22.26 0.98
C LYS A 545 12.19 -21.68 2.39
N VAL A 546 11.25 -20.76 2.52
CA VAL A 546 10.87 -20.03 3.76
C VAL A 546 9.40 -20.25 4.03
N ASN A 547 9.06 -20.56 5.27
CA ASN A 547 7.66 -20.59 5.74
C ASN A 547 7.42 -19.31 6.53
N TRP A 548 6.48 -18.46 6.16
CA TRP A 548 5.99 -17.36 7.03
C TRP A 548 4.65 -17.82 7.61
N SER A 549 4.60 -18.25 8.87
CA SER A 549 3.42 -18.91 9.48
C SER A 549 2.53 -17.92 10.24
N ASN A 550 2.78 -16.60 10.16
CA ASN A 550 1.93 -15.60 10.84
C ASN A 550 1.25 -14.73 9.79
N THR A 551 0.68 -15.38 8.76
CA THR A 551 0.07 -14.70 7.61
C THR A 551 -1.37 -15.17 7.48
N GLN A 552 -2.19 -14.46 6.72
CA GLN A 552 -3.56 -14.84 6.30
C GLN A 552 -3.84 -14.31 4.88
N SER A 553 -4.91 -14.79 4.25
CA SER A 553 -5.44 -14.25 2.96
C SER A 553 -6.92 -13.91 3.18
N ARG A 554 -7.48 -13.12 2.28
CA ARG A 554 -8.92 -12.75 2.32
C ARG A 554 -9.35 -12.29 0.93
N TYR A 555 -10.42 -12.88 0.44
CA TYR A 555 -11.25 -12.37 -0.68
C TYR A 555 -11.65 -10.93 -0.37
N LEU A 556 -11.14 -9.97 -1.15
CA LEU A 556 -11.40 -8.52 -1.00
C LEU A 556 -11.72 -7.93 -2.36
N PRO A 557 -12.97 -8.10 -2.87
CA PRO A 557 -13.36 -7.47 -4.13
C PRO A 557 -13.47 -5.93 -4.06
N VAL A 558 -13.45 -5.30 -5.25
CA VAL A 558 -13.77 -3.86 -5.45
C VAL A 558 -15.27 -3.77 -5.26
N PRO A 559 -15.80 -2.62 -4.78
CA PRO A 559 -17.21 -2.53 -4.46
C PRO A 559 -18.06 -2.36 -5.73
N TYR A 560 -19.20 -3.04 -5.69
CA TYR A 560 -20.10 -3.18 -6.85
C TYR A 560 -20.65 -1.78 -7.13
N ASN A 561 -20.82 -0.96 -6.10
CA ASN A 561 -21.42 0.40 -6.27
C ASN A 561 -20.41 1.36 -6.90
N TYR A 562 -19.20 0.90 -7.24
CA TYR A 562 -18.23 1.66 -8.09
C TYR A 562 -18.50 1.32 -9.59
N SER A 563 -19.60 0.61 -9.89
CA SER A 563 -20.11 0.31 -11.27
C SER A 563 -21.61 0.63 -11.37
N GLU A 564 -22.14 0.70 -12.59
CA GLU A 564 -23.57 0.94 -12.85
C GLU A 564 -24.16 -0.21 -13.67
N GLY A 565 -25.49 -0.37 -13.61
CA GLY A 565 -26.33 -0.96 -14.68
C GLY A 565 -26.04 -2.43 -14.94
N ILE A 566 -25.70 -3.18 -13.88
CA ILE A 566 -25.43 -4.65 -13.91
C ILE A 566 -26.78 -5.38 -13.98
N ILE A 567 -26.92 -6.39 -14.86
CA ILE A 567 -28.21 -7.08 -15.18
C ILE A 567 -28.43 -8.24 -14.18
N ASP A 568 -29.72 -8.62 -13.95
CA ASP A 568 -30.27 -9.60 -12.97
C ASP A 568 -31.80 -9.42 -12.89
N ALA A 569 -32.52 -10.28 -12.15
CA ALA A 569 -33.98 -10.18 -11.90
C ALA A 569 -34.76 -10.12 -13.22
N SER A 581 -27.81 -11.62 -22.91
CA SER A 581 -27.03 -10.39 -22.61
C SER A 581 -26.83 -10.25 -21.10
N VAL A 582 -25.94 -11.05 -20.54
CA VAL A 582 -25.44 -10.89 -19.15
C VAL A 582 -24.29 -9.86 -19.22
N THR A 583 -24.09 -8.97 -18.23
CA THR A 583 -23.01 -7.94 -18.37
C THR A 583 -21.67 -8.61 -17.99
N THR A 584 -20.67 -8.34 -18.83
CA THR A 584 -19.29 -8.87 -18.71
C THR A 584 -18.33 -7.70 -18.72
N PHE A 585 -17.00 -7.96 -18.78
CA PHE A 585 -15.95 -6.94 -18.52
C PHE A 585 -15.97 -5.94 -19.68
N SER A 586 -16.13 -6.40 -20.92
CA SER A 586 -16.07 -5.57 -22.15
C SER A 586 -17.24 -4.55 -22.19
N GLY A 587 -18.26 -4.74 -21.34
CA GLY A 587 -19.48 -3.92 -21.30
C GLY A 587 -19.78 -3.37 -19.91
N LEU A 588 -19.10 -3.81 -18.87
CA LEU A 588 -19.31 -3.28 -17.50
C LEU A 588 -18.99 -1.79 -17.52
N LYS A 589 -19.89 -1.00 -16.92
CA LYS A 589 -19.86 0.48 -16.82
C LYS A 589 -19.20 0.86 -15.50
N SER A 590 -18.09 1.62 -15.53
CA SER A 590 -17.44 2.19 -14.32
C SER A 590 -17.95 3.60 -13.99
N ILE A 591 -18.23 3.85 -12.70
CA ILE A 591 -18.54 5.19 -12.15
C ILE A 591 -17.54 5.45 -11.05
N ALA A 592 -16.30 5.06 -11.30
CA ALA A 592 -15.31 4.91 -10.23
C ALA A 592 -14.86 6.29 -9.81
N PRO A 593 -15.15 6.69 -8.56
CA PRO A 593 -14.73 7.99 -8.06
C PRO A 593 -13.31 8.07 -7.56
N ASP A 594 -12.58 6.96 -7.49
CA ASP A 594 -11.30 7.01 -6.71
C ASP A 594 -10.10 7.12 -7.64
N GLY A 595 -10.27 7.71 -8.82
CA GLY A 595 -9.15 8.15 -9.69
C GLY A 595 -8.76 7.08 -10.70
N PHE A 596 -9.46 5.95 -10.68
CA PHE A 596 -9.27 4.85 -11.66
C PHE A 596 -10.42 4.81 -12.67
N ALA A 597 -10.10 4.69 -13.96
CA ALA A 597 -11.09 4.40 -15.01
C ALA A 597 -11.81 3.10 -14.66
N ASN A 598 -11.04 2.02 -14.47
CA ASN A 598 -11.54 0.64 -14.26
C ASN A 598 -12.28 0.57 -12.91
N SER A 599 -13.26 -0.32 -12.80
CA SER A 599 -14.04 -0.59 -11.55
C SER A 599 -14.09 -2.10 -11.23
N ILE A 600 -12.99 -2.83 -11.53
CA ILE A 600 -12.86 -4.31 -11.39
C ILE A 600 -11.55 -4.75 -10.70
N ALA A 601 -10.45 -4.01 -10.76
CA ALA A 601 -9.15 -4.43 -10.20
C ALA A 601 -8.90 -3.72 -8.86
N ASN A 602 -8.80 -4.44 -7.75
CA ASN A 602 -8.63 -3.79 -6.43
C ASN A 602 -7.19 -3.28 -6.39
N PHE A 603 -6.96 -2.36 -5.47
CA PHE A 603 -5.69 -1.65 -5.24
C PHE A 603 -5.59 -1.42 -3.75
N SER A 604 -4.39 -1.19 -3.27
CA SER A 604 -4.16 -0.94 -1.84
C SER A 604 -2.89 -0.12 -1.73
N VAL A 605 -2.77 0.70 -0.68
CA VAL A 605 -1.61 1.62 -0.56
C VAL A 605 -1.44 2.01 0.91
N GLY A 606 -0.20 2.37 1.28
CA GLY A 606 0.16 2.96 2.59
C GLY A 606 -0.21 2.10 3.79
N LEU A 607 0.30 0.88 3.84
CA LEU A 607 0.20 0.09 5.08
C LEU A 607 1.05 0.84 6.10
N LYS A 608 0.56 0.96 7.33
CA LYS A 608 1.24 1.63 8.46
C LYS A 608 0.74 1.00 9.75
N ALA A 609 1.66 0.73 10.67
CA ALA A 609 1.38 0.17 12.00
C ALA A 609 1.42 1.27 13.05
N GLY A 610 0.90 0.95 14.24
CA GLY A 610 0.94 1.88 15.38
C GLY A 610 0.54 1.24 16.68
N ILE A 611 1.24 1.61 17.75
CA ILE A 611 0.94 1.21 19.16
C ILE A 611 -0.25 2.02 19.65
N ASP A 612 -1.29 1.35 20.13
CA ASP A 612 -2.43 1.99 20.84
C ASP A 612 -1.81 2.74 22.01
N PRO A 613 -2.11 4.03 22.24
CA PRO A 613 -1.75 4.66 23.51
C PRO A 613 -2.67 4.30 24.68
N ASN A 614 -3.75 3.57 24.42
CA ASN A 614 -4.80 3.35 25.44
C ASN A 614 -4.29 2.26 26.35
N PRO A 615 -4.14 2.52 27.66
CA PRO A 615 -3.61 1.53 28.58
C PRO A 615 -4.30 0.17 28.41
N VAL A 616 -3.51 -0.88 28.60
CA VAL A 616 -3.97 -2.29 28.66
C VAL A 616 -3.80 -2.75 30.11
N MET A 617 -4.54 -3.75 30.58
CA MET A 617 -4.43 -4.27 31.99
C MET A 617 -2.99 -4.70 32.29
N SER A 618 -2.45 -4.33 33.45
CA SER A 618 -1.04 -4.60 33.87
C SER A 618 -0.70 -6.09 33.75
N GLY A 619 0.54 -6.41 33.36
CA GLY A 619 0.98 -7.79 33.09
C GLY A 619 0.57 -8.28 31.72
N LYS A 620 -0.07 -7.42 30.91
CA LYS A 620 -0.32 -7.59 29.45
C LYS A 620 0.51 -6.54 28.70
N LYS A 621 0.95 -6.82 27.48
CA LYS A 621 1.84 -5.87 26.74
C LYS A 621 0.96 -4.97 25.86
N ALA A 622 1.44 -3.75 25.65
CA ALA A 622 0.83 -2.71 24.79
C ALA A 622 0.30 -3.32 23.48
N ASN A 623 -0.89 -2.88 23.04
CA ASN A 623 -1.59 -3.28 21.79
C ASN A 623 -0.98 -2.55 20.60
N TYR A 624 -1.02 -3.17 19.44
CA TYR A 624 -0.62 -2.50 18.19
C TYR A 624 -1.49 -3.05 17.07
N GLY A 625 -1.79 -2.18 16.12
CA GLY A 625 -2.40 -2.62 14.85
C GLY A 625 -1.68 -2.07 13.65
N ALA A 626 -2.24 -2.34 12.49
CA ALA A 626 -1.93 -1.59 11.26
C ALA A 626 -3.22 -1.32 10.49
N VAL A 627 -3.13 -0.41 9.54
CA VAL A 627 -4.22 -0.10 8.59
C VAL A 627 -3.57 0.10 7.21
N VAL A 628 -4.43 -0.02 6.20
CA VAL A 628 -4.04 0.07 4.76
C VAL A 628 -5.31 0.47 4.00
N LEU A 629 -5.16 1.30 2.99
CA LEU A 629 -6.30 1.74 2.16
C LEU A 629 -6.40 0.79 0.97
N THR A 630 -7.62 0.36 0.67
CA THR A 630 -8.01 -0.40 -0.54
C THR A 630 -9.21 0.33 -1.15
N ARG A 631 -9.53 0.01 -2.41
CA ARG A 631 -10.59 0.72 -3.15
C ARG A 631 -11.89 0.51 -2.37
N GLY A 632 -12.47 1.58 -1.81
CA GLY A 632 -13.81 1.56 -1.22
C GLY A 632 -13.81 1.39 0.30
N GLY A 633 -12.63 1.31 0.93
CA GLY A 633 -12.56 1.05 2.39
C GLY A 633 -11.16 1.01 2.97
N VAL A 634 -11.08 1.19 4.29
CA VAL A 634 -9.85 0.97 5.12
C VAL A 634 -9.86 -0.46 5.66
N VAL A 635 -8.69 -1.12 5.67
CA VAL A 635 -8.59 -2.43 6.39
C VAL A 635 -7.72 -2.24 7.62
N ARG A 636 -8.24 -2.84 8.71
CA ARG A 636 -7.60 -3.02 10.03
C ARG A 636 -6.96 -4.43 10.02
N LEU A 637 -5.65 -4.52 10.20
CA LEU A 637 -4.95 -5.74 10.67
C LEU A 637 -4.83 -5.66 12.21
N ASN A 638 -5.19 -6.74 12.89
CA ASN A 638 -5.13 -6.87 14.37
C ASN A 638 -4.13 -7.95 14.80
N PHE A 639 -3.39 -7.66 15.86
CA PHE A 639 -2.30 -8.50 16.40
C PHE A 639 -2.57 -8.81 17.87
N ASN A 640 -1.94 -9.86 18.37
CA ASN A 640 -1.87 -10.21 19.81
C ASN A 640 -0.46 -9.88 20.26
N PRO A 641 -0.27 -8.82 21.08
CA PRO A 641 1.09 -8.39 21.39
C PRO A 641 1.78 -9.50 22.21
N GLY A 642 0.99 -10.36 22.87
CA GLY A 642 1.50 -11.40 23.78
C GLY A 642 2.64 -12.20 23.15
N ASN A 643 2.39 -12.81 21.97
CA ASN A 643 3.31 -13.75 21.26
C ASN A 643 3.52 -13.24 19.81
N ASP A 644 3.19 -11.97 19.56
CA ASP A 644 3.29 -11.28 18.24
C ASP A 644 2.69 -12.17 17.15
N SER A 645 1.42 -12.53 17.33
CA SER A 645 0.58 -13.35 16.39
C SER A 645 -0.59 -12.51 15.85
N LEU A 646 -1.14 -12.89 14.69
CA LEU A 646 -2.50 -12.49 14.28
C LEU A 646 -3.47 -12.86 15.40
N LEU A 647 -4.36 -11.92 15.75
CA LEU A 647 -5.57 -12.18 16.57
C LEU A 647 -6.33 -13.32 15.89
N SER A 648 -6.57 -14.40 16.64
CA SER A 648 -7.57 -15.43 16.29
C SER A 648 -8.59 -15.50 17.44
N THR A 649 -9.67 -16.25 17.20
CA THR A 649 -10.69 -16.66 18.19
C THR A 649 -10.97 -18.14 17.98
N THR A 650 -11.66 -18.81 18.90
CA THR A 650 -11.78 -20.30 18.92
C THR A 650 -12.62 -20.78 17.73
N ASP A 651 -13.77 -20.12 17.47
CA ASP A 651 -14.76 -20.54 16.45
C ASP A 651 -14.12 -20.36 15.07
N ASN A 652 -14.37 -21.28 14.14
CA ASN A 652 -13.94 -21.19 12.72
C ASN A 652 -15.10 -20.68 11.88
N ASN A 653 -16.32 -20.62 12.47
CA ASN A 653 -17.55 -20.01 11.89
C ASN A 653 -17.29 -18.50 11.63
N ILE A 654 -17.10 -17.68 12.68
CA ILE A 654 -16.60 -16.28 12.53
C ILE A 654 -15.27 -16.35 11.77
N ALA A 655 -14.96 -15.30 11.00
CA ALA A 655 -13.88 -15.27 9.99
C ALA A 655 -12.61 -14.68 10.62
N PRO A 656 -11.42 -15.00 10.08
CA PRO A 656 -10.17 -14.70 10.76
C PRO A 656 -10.21 -13.24 11.23
N ILE A 657 -10.10 -13.07 12.54
CA ILE A 657 -10.42 -11.87 13.34
C ILE A 657 -9.20 -10.95 13.30
N SER A 658 -8.21 -11.32 12.48
CA SER A 658 -7.00 -10.51 12.20
C SER A 658 -7.33 -9.38 11.22
N PHE A 659 -8.47 -9.44 10.52
CA PHE A 659 -8.89 -8.54 9.41
C PHE A 659 -10.31 -8.03 9.64
N SER A 660 -10.51 -6.76 9.33
CA SER A 660 -11.75 -5.97 9.39
C SER A 660 -11.71 -4.94 8.24
N PHE A 661 -12.83 -4.76 7.53
CA PHE A 661 -13.00 -3.85 6.38
C PHE A 661 -14.12 -2.87 6.74
N THR A 662 -13.82 -1.57 6.72
CA THR A 662 -14.80 -0.49 7.00
C THR A 662 -14.94 0.30 5.70
N PRO A 663 -16.11 0.28 5.03
CA PRO A 663 -16.26 0.95 3.74
C PRO A 663 -16.20 2.48 3.93
N PHE A 664 -15.54 3.14 3.00
CA PHE A 664 -15.54 4.59 2.72
C PHE A 664 -16.96 5.13 2.49
N THR A 665 -17.24 6.36 2.89
CA THR A 665 -18.39 7.15 2.40
C THR A 665 -18.00 7.84 1.07
N ALA A 666 -18.97 8.47 0.42
CA ALA A 666 -18.77 9.43 -0.71
C ALA A 666 -17.46 10.21 -0.56
N ALA A 667 -17.29 10.91 0.56
CA ALA A 667 -16.13 11.83 0.75
C ALA A 667 -14.78 11.10 0.63
N GLU A 668 -14.63 9.88 1.17
CA GLU A 668 -13.32 9.19 1.16
C GLU A 668 -13.19 8.53 -0.21
N SER A 669 -14.29 8.03 -0.75
CA SER A 669 -14.34 7.42 -2.10
C SER A 669 -13.88 8.42 -3.18
N ALA A 670 -14.14 9.72 -3.00
CA ALA A 670 -13.81 10.81 -3.95
C ALA A 670 -12.28 10.98 -4.06
N VAL A 671 -11.53 10.69 -3.01
CA VAL A 671 -10.07 10.88 -3.01
C VAL A 671 -9.42 9.98 -4.07
N ASP A 672 -8.49 10.54 -4.83
CA ASP A 672 -7.75 9.81 -5.87
C ASP A 672 -6.60 9.07 -5.20
N LEU A 673 -6.75 7.75 -5.05
CA LEU A 673 -5.83 6.84 -4.32
C LEU A 673 -4.51 6.78 -5.06
N THR A 674 -4.43 7.13 -6.35
CA THR A 674 -3.15 7.06 -7.10
C THR A 674 -2.28 8.25 -6.76
N THR A 675 -2.81 9.22 -5.99
CA THR A 675 -2.08 10.43 -5.51
C THR A 675 -1.54 10.26 -4.09
N PHE A 676 -1.68 9.09 -3.46
CA PHE A 676 -1.13 8.84 -2.11
C PHE A 676 0.31 9.36 -2.03
N LYS A 677 0.67 10.16 -1.03
CA LYS A 677 2.07 10.66 -0.93
C LYS A 677 2.82 10.00 0.21
N GLU A 678 2.13 9.70 1.30
CA GLU A 678 2.80 9.44 2.61
C GLU A 678 1.71 9.20 3.65
N VAL A 679 2.03 8.40 4.67
CA VAL A 679 1.12 8.11 5.81
C VAL A 679 1.97 8.18 7.06
N THR A 680 1.52 8.94 8.06
CA THR A 680 2.17 9.06 9.39
C THR A 680 1.22 8.47 10.41
N TYR A 681 1.80 7.99 11.50
CA TYR A 681 1.03 7.60 12.68
C TYR A 681 1.56 8.43 13.82
N ASN A 682 0.67 8.88 14.70
CA ASN A 682 1.05 9.66 15.90
C ASN A 682 0.66 8.84 17.13
N GLN A 683 1.61 8.56 18.02
CA GLN A 683 1.36 7.62 19.13
C GLN A 683 0.49 8.30 20.21
N GLU A 684 0.53 9.62 20.34
CA GLU A 684 -0.28 10.29 21.40
C GLU A 684 -1.77 10.19 21.00
N SER A 685 -2.12 10.55 19.77
CA SER A 685 -3.52 10.58 19.29
C SER A 685 -4.01 9.16 18.99
N GLY A 686 -3.11 8.23 18.68
CA GLY A 686 -3.52 6.87 18.26
C GLY A 686 -4.24 6.88 16.90
N LEU A 687 -3.80 7.79 16.02
CA LEU A 687 -4.43 8.23 14.75
C LEU A 687 -3.41 8.18 13.61
N TRP A 688 -3.81 7.68 12.43
CA TRP A 688 -3.04 7.62 11.16
C TRP A 688 -3.45 8.78 10.22
N SER A 689 -2.49 9.45 9.60
CA SER A 689 -2.80 10.56 8.66
C SER A 689 -2.38 10.11 7.27
N TYR A 690 -3.30 10.08 6.31
CA TYR A 690 -2.97 9.68 4.92
C TYR A 690 -3.00 10.96 4.11
N ILE A 691 -1.87 11.31 3.51
CA ILE A 691 -1.66 12.55 2.71
C ILE A 691 -1.72 12.19 1.24
N PHE A 692 -2.65 12.80 0.50
CA PHE A 692 -2.76 12.74 -0.98
C PHE A 692 -2.35 14.10 -1.57
N ASP A 693 -1.42 14.08 -2.51
CA ASP A 693 -0.87 15.26 -3.23
C ASP A 693 -1.21 15.13 -4.72
N SER A 694 -2.06 16.02 -5.27
CA SER A 694 -2.56 15.93 -6.66
C SER A 694 -1.48 16.35 -7.66
N SER A 695 -0.34 16.83 -7.19
CA SER A 695 0.82 17.12 -8.08
C SER A 695 1.39 15.79 -8.61
N LEU A 696 1.01 14.67 -8.02
CA LEU A 696 1.49 13.36 -8.47
C LEU A 696 0.72 12.89 -9.72
N LYS A 697 -0.43 13.51 -10.06
CA LYS A 697 -1.24 13.06 -11.24
C LYS A 697 -0.32 13.15 -12.45
N PRO A 698 -0.47 12.32 -13.50
CA PRO A 698 0.33 12.46 -14.71
C PRO A 698 0.00 13.76 -15.47
N SER A 699 0.87 14.16 -16.40
CA SER A 699 0.71 15.42 -17.18
C SER A 699 -0.47 15.28 -18.14
N HIS A 700 -0.61 14.09 -18.74
CA HIS A 700 -1.57 13.77 -19.84
C HIS A 700 -2.31 12.44 -19.59
N ASP A 701 -3.64 12.48 -19.69
CA ASP A 701 -4.64 11.46 -20.10
C ASP A 701 -4.10 10.35 -21.02
N GLY A 702 -4.90 9.31 -21.16
CA GLY A 702 -4.77 8.29 -22.21
C GLY A 702 -5.17 8.80 -23.58
N LYS A 703 -5.89 9.90 -23.66
CA LYS A 703 -6.18 10.59 -24.95
C LYS A 703 -5.24 11.79 -25.15
N GLN A 704 -4.20 11.92 -24.31
CA GLN A 704 -3.09 12.89 -24.47
C GLN A 704 -3.59 14.32 -24.24
N THR A 705 -4.70 14.46 -23.50
CA THR A 705 -5.30 15.76 -23.06
C THR A 705 -4.59 16.21 -21.78
N PRO A 706 -3.93 17.40 -21.78
CA PRO A 706 -3.40 17.98 -20.54
C PRO A 706 -4.32 17.70 -19.34
N VAL A 707 -3.77 17.30 -18.20
CA VAL A 707 -4.55 16.99 -16.98
C VAL A 707 -4.52 18.26 -16.17
N THR A 708 -5.65 18.85 -15.79
CA THR A 708 -5.66 20.21 -15.14
C THR A 708 -6.17 20.21 -13.69
N ASP A 709 -6.55 19.07 -13.09
CA ASP A 709 -6.96 19.01 -11.67
C ASP A 709 -5.76 18.51 -10.82
N ASN A 710 -4.55 19.01 -11.13
CA ASN A 710 -3.27 18.52 -10.58
C ASN A 710 -2.78 19.47 -9.48
N MET A 711 -3.70 20.21 -8.87
CA MET A 711 -3.40 21.24 -7.88
C MET A 711 -4.10 20.83 -6.58
N GLY A 712 -3.38 20.75 -5.47
CA GLY A 712 -4.09 20.58 -4.20
C GLY A 712 -3.66 19.32 -3.52
N PHE A 713 -4.49 18.82 -2.62
CA PHE A 713 -4.12 17.71 -1.75
C PHE A 713 -5.30 17.47 -0.83
N SER A 714 -5.20 16.41 -0.03
CA SER A 714 -6.29 15.87 0.81
C SER A 714 -5.66 15.01 1.89
N VAL A 715 -6.27 15.01 3.08
CA VAL A 715 -5.84 14.20 4.25
C VAL A 715 -6.99 13.30 4.66
N ILE A 716 -6.71 12.01 4.82
CA ILE A 716 -7.66 11.03 5.40
C ILE A 716 -7.03 10.61 6.72
N THR A 717 -7.83 10.70 7.77
CA THR A 717 -7.52 10.38 9.17
C THR A 717 -8.18 9.04 9.49
N VAL A 718 -7.38 8.05 9.91
CA VAL A 718 -7.89 6.71 10.30
C VAL A 718 -7.75 6.62 11.82
N SER A 719 -8.81 6.13 12.46
CA SER A 719 -8.89 5.84 13.91
C SER A 719 -9.33 4.38 14.09
N ARG A 720 -9.12 3.81 15.27
CA ARG A 720 -9.59 2.45 15.66
C ARG A 720 -11.03 2.53 16.15
N THR A 721 -11.80 1.45 15.94
CA THR A 721 -13.20 1.25 16.40
C THR A 721 -13.32 -0.17 16.91
N GLY A 722 -14.05 -0.34 18.02
CA GLY A 722 -14.47 -1.64 18.57
C GLY A 722 -13.92 -1.82 19.97
N ILE A 723 -14.07 -3.02 20.51
CA ILE A 723 -13.48 -3.46 21.81
C ILE A 723 -12.13 -4.12 21.53
N GLU A 724 -11.07 -3.44 21.93
CA GLU A 724 -9.64 -3.81 21.78
C GLU A 724 -9.26 -4.87 22.84
N LEU A 725 -8.21 -5.66 22.54
CA LEU A 725 -7.68 -6.77 23.38
C LEU A 725 -7.09 -6.21 24.68
N ASN A 726 -7.57 -6.71 25.82
CA ASN A 726 -6.88 -6.73 27.15
C ASN A 726 -7.26 -5.48 27.95
N GLN A 727 -8.53 -5.09 27.88
CA GLN A 727 -9.07 -3.91 28.62
C GLN A 727 -9.27 -4.34 30.07
N ASP A 728 -9.88 -5.52 30.25
CA ASP A 728 -10.25 -6.13 31.56
C ASP A 728 -10.45 -7.62 31.31
N GLN A 729 -10.68 -8.42 32.36
CA GLN A 729 -10.64 -9.90 32.25
C GLN A 729 -11.40 -10.33 30.98
N ALA A 730 -12.42 -9.59 30.54
CA ALA A 730 -13.33 -10.03 29.45
C ALA A 730 -12.64 -10.01 28.08
N THR A 731 -11.64 -9.13 27.91
CA THR A 731 -11.06 -8.74 26.60
C THR A 731 -9.69 -9.40 26.40
N THR A 732 -9.38 -10.46 27.17
CA THR A 732 -8.29 -11.45 26.90
C THR A 732 -8.74 -12.39 25.77
N THR A 733 -9.99 -12.86 25.86
CA THR A 733 -10.83 -13.50 24.81
C THR A 733 -11.54 -12.41 23.97
N LEU A 734 -11.53 -12.52 22.63
CA LEU A 734 -12.31 -11.67 21.69
C LEU A 734 -12.88 -12.55 20.58
N ASP A 735 -14.17 -12.44 20.27
CA ASP A 735 -14.82 -13.14 19.13
C ASP A 735 -15.36 -12.12 18.12
N VAL A 736 -15.00 -10.83 18.26
CA VAL A 736 -15.30 -9.73 17.29
C VAL A 736 -14.03 -8.95 16.95
N ALA A 737 -13.61 -8.98 15.70
CA ALA A 737 -12.41 -8.30 15.17
C ALA A 737 -12.48 -6.78 15.36
N PRO A 738 -11.51 -6.16 16.07
CA PRO A 738 -11.38 -4.70 16.03
C PRO A 738 -11.24 -4.23 14.58
N SER A 739 -11.70 -3.00 14.27
CA SER A 739 -11.66 -2.40 12.90
C SER A 739 -11.17 -0.96 12.98
N ALA A 740 -11.18 -0.26 11.86
CA ALA A 740 -10.78 1.16 11.73
C ALA A 740 -11.87 1.92 10.97
N LEU A 741 -11.70 3.24 10.91
CA LEU A 741 -12.63 4.20 10.25
C LEU A 741 -11.80 5.29 9.59
N ALA A 742 -11.93 5.40 8.28
CA ALA A 742 -11.28 6.46 7.48
C ALA A 742 -12.29 7.61 7.33
N VAL A 743 -11.85 8.81 7.63
CA VAL A 743 -12.69 10.03 7.55
C VAL A 743 -11.88 10.99 6.71
N GLN A 744 -12.44 11.48 5.61
CA GLN A 744 -11.90 12.73 5.01
C GLN A 744 -12.19 13.87 5.99
N SER A 745 -11.11 14.40 6.54
CA SER A 745 -11.01 15.21 7.79
C SER A 745 -11.52 16.66 7.60
N GLY A 746 -11.55 17.18 6.35
CA GLY A 746 -11.71 18.62 6.05
C GLY A 746 -10.44 19.31 5.57
N ILE A 747 -9.26 18.83 5.91
CA ILE A 747 -7.97 19.36 5.39
C ILE A 747 -7.84 18.92 3.93
N GLN A 748 -8.16 19.81 3.00
CA GLN A 748 -8.04 19.56 1.55
C GLN A 748 -7.96 20.90 0.79
N SER A 749 -7.67 20.81 -0.50
CA SER A 749 -7.44 21.95 -1.38
C SER A 749 -7.36 21.45 -2.83
N THR A 750 -7.97 22.22 -3.71
CA THR A 750 -7.88 22.12 -5.19
C THR A 750 -7.05 23.31 -5.69
N THR A 751 -6.54 24.16 -4.81
CA THR A 751 -5.82 25.38 -5.25
C THR A 751 -4.33 25.35 -4.86
N GLN A 752 -3.95 24.92 -3.66
CA GLN A 752 -2.57 25.17 -3.15
C GLN A 752 -1.67 24.01 -3.57
N THR A 753 -0.36 24.23 -3.65
CA THR A 753 0.66 23.17 -3.82
C THR A 753 1.17 22.78 -2.45
N LEU A 754 1.06 21.53 -2.06
CA LEU A 754 1.48 21.05 -0.72
C LEU A 754 3.01 20.96 -0.63
N THR A 755 3.54 21.32 0.51
CA THR A 755 4.90 21.09 1.01
C THR A 755 4.76 20.01 2.08
N GLY A 756 3.90 20.22 3.09
CA GLY A 756 3.78 19.28 4.20
C GLY A 756 2.57 19.54 5.09
N VAL A 757 2.09 18.51 5.77
CA VAL A 757 1.04 18.54 6.80
C VAL A 757 1.66 18.10 8.12
N LEU A 758 1.64 18.96 9.16
CA LEU A 758 2.17 18.59 10.49
C LEU A 758 0.99 18.36 11.43
N PRO A 759 0.72 17.09 11.77
CA PRO A 759 -0.32 16.74 12.73
C PRO A 759 0.15 17.03 14.17
N LEU A 760 0.10 18.30 14.53
CA LEU A 760 0.51 18.86 15.85
C LEU A 760 -0.23 18.12 16.97
N SER A 761 -1.49 17.86 16.77
CA SER A 761 -2.30 17.24 17.83
C SER A 761 -3.63 16.78 17.24
N GLU A 762 -4.38 16.03 18.02
CA GLU A 762 -5.75 15.65 17.65
C GLU A 762 -6.54 16.92 17.29
N GLU A 763 -6.36 18.02 18.04
CA GLU A 763 -7.18 19.23 17.89
C GLU A 763 -6.63 20.08 16.74
N PHE A 764 -5.39 19.87 16.24
CA PHE A 764 -4.80 20.84 15.27
C PHE A 764 -3.80 20.20 14.34
N SER A 765 -3.88 20.58 13.07
CA SER A 765 -2.88 20.32 12.01
C SER A 765 -2.41 21.65 11.39
N ALA A 766 -1.13 21.75 11.08
CA ALA A 766 -0.51 22.83 10.31
C ALA A 766 -0.28 22.35 8.90
N VAL A 767 -0.74 23.08 7.93
CA VAL A 767 -0.47 22.79 6.51
C VAL A 767 0.55 23.81 6.03
N ILE A 768 1.61 23.37 5.37
CA ILE A 768 2.53 24.30 4.67
C ILE A 768 2.31 24.12 3.18
N ALA A 769 2.05 25.20 2.47
CA ALA A 769 1.73 25.20 1.02
C ALA A 769 2.26 26.47 0.39
N LYS A 770 2.33 26.49 -0.93
CA LYS A 770 2.63 27.70 -1.72
C LYS A 770 1.31 28.04 -2.42
N ASP A 771 0.88 29.31 -2.41
CA ASP A 771 -0.27 29.72 -3.26
C ASP A 771 0.29 29.88 -4.68
N SER A 772 1.19 30.85 -4.85
CA SER A 772 2.06 31.03 -6.04
C SER A 772 3.36 30.23 -5.84
N ASP A 773 4.35 30.78 -5.11
CA ASP A 773 5.76 30.27 -5.05
C ASP A 773 6.42 30.41 -3.68
N GLN A 774 5.91 31.27 -2.76
CA GLN A 774 6.37 31.32 -1.34
C GLN A 774 5.51 30.36 -0.51
N ASN A 775 6.07 29.82 0.59
CA ASN A 775 5.37 28.92 1.56
C ASN A 775 4.47 29.74 2.49
N LYS A 776 3.27 29.23 2.78
CA LYS A 776 2.22 29.80 3.66
C LYS A 776 1.82 28.74 4.70
N ILE A 777 1.47 29.14 5.90
CA ILE A 777 1.07 28.26 7.04
C ILE A 777 -0.41 28.45 7.31
N ASP A 778 -1.20 27.43 7.10
CA ASP A 778 -2.60 27.39 7.54
C ASP A 778 -2.67 26.48 8.76
N ILE A 779 -3.51 26.84 9.69
CA ILE A 779 -3.85 25.97 10.84
C ILE A 779 -5.29 25.53 10.65
N TYR A 780 -5.51 24.22 10.70
CA TYR A 780 -6.83 23.60 10.66
C TYR A 780 -7.14 23.16 12.08
N LYS A 781 -8.33 23.48 12.55
CA LYS A 781 -8.79 23.16 13.91
C LYS A 781 -9.89 22.09 13.81
N ASN A 782 -9.75 21.02 14.56
CA ASN A 782 -10.78 19.96 14.63
C ASN A 782 -12.00 20.49 15.39
N ASN A 783 -13.16 20.48 14.76
CA ASN A 783 -14.45 20.87 15.36
C ASN A 783 -15.41 19.69 15.34
N ASN A 784 -15.45 18.94 16.46
CA ASN A 784 -16.29 17.72 16.64
C ASN A 784 -16.04 16.79 15.47
N GLY A 785 -14.79 16.47 15.13
CA GLY A 785 -14.46 15.44 14.11
C GLY A 785 -14.16 16.00 12.72
N LEU A 786 -14.63 17.22 12.42
CA LEU A 786 -14.38 17.92 11.14
C LEU A 786 -13.39 19.09 11.31
N PHE A 787 -12.24 19.02 10.63
CA PHE A 787 -11.20 20.08 10.58
C PHE A 787 -11.68 21.20 9.68
N GLU A 788 -11.55 22.46 10.11
CA GLU A 788 -11.80 23.69 9.31
C GLU A 788 -10.62 24.63 9.54
N ILE A 789 -10.31 25.44 8.55
CA ILE A 789 -9.23 26.45 8.68
C ILE A 789 -9.59 27.42 9.81
N ASP A 790 -8.62 27.83 10.62
CA ASP A 790 -8.79 28.95 11.56
C ASP A 790 -7.89 30.12 11.06
N THR A 791 -8.50 31.13 10.49
CA THR A 791 -7.77 32.16 9.77
C THR A 791 -7.06 33.04 10.79
N GLN A 792 -7.70 33.42 11.89
CA GLN A 792 -7.02 34.19 12.94
C GLN A 792 -5.83 33.41 13.53
N LEU A 793 -5.96 32.14 13.87
CA LEU A 793 -4.84 31.35 14.42
C LEU A 793 -3.76 31.16 13.33
N SER A 794 -4.15 31.03 12.06
CA SER A 794 -3.22 30.90 10.92
C SER A 794 -2.36 32.17 10.85
N ASN A 795 -3.00 33.31 10.93
CA ASN A 795 -2.29 34.60 10.88
C ASN A 795 -1.43 34.73 12.14
N SER A 796 -1.93 34.30 13.28
CA SER A 796 -1.19 34.39 14.55
C SER A 796 0.07 33.53 14.43
N VAL A 797 -0.05 32.31 13.91
CA VAL A 797 1.10 31.37 13.84
C VAL A 797 2.08 31.81 12.76
N ALA A 798 1.57 32.34 11.68
CA ALA A 798 2.40 32.68 10.50
C ALA A 798 3.14 33.96 10.77
N THR A 799 2.76 34.72 11.78
CA THR A 799 3.44 35.98 12.12
C THR A 799 4.57 35.62 13.06
N ASN A 800 5.67 35.11 12.49
CA ASN A 800 6.85 34.73 13.28
C ASN A 800 7.96 35.79 13.12
N ASN A 801 7.83 36.70 12.13
CA ASN A 801 8.80 37.79 11.85
C ASN A 801 10.19 37.22 11.48
N GLY A 802 10.23 36.07 10.79
CA GLY A 802 11.50 35.40 10.41
C GLY A 802 12.09 34.46 11.49
N GLY A 803 11.66 34.56 12.76
CA GLY A 803 12.01 33.63 13.84
C GLY A 803 11.40 32.26 13.59
N LEU A 804 11.71 31.30 14.44
CA LEU A 804 11.24 29.91 14.33
C LEU A 804 9.83 29.79 14.89
N ALA A 805 9.33 30.76 15.65
CA ALA A 805 8.05 30.61 16.36
C ALA A 805 7.19 31.88 16.35
N PRO A 806 5.87 31.77 16.59
CA PRO A 806 5.00 32.95 16.50
C PRO A 806 5.36 34.04 17.51
N SER A 807 5.27 35.28 17.05
CA SER A 807 5.52 36.47 17.85
C SER A 807 4.67 36.45 19.15
N TYR A 808 5.18 37.08 20.19
CA TYR A 808 4.42 37.41 21.38
C TYR A 808 4.09 38.91 21.37
N THR A 809 2.83 39.28 21.52
CA THR A 809 2.42 40.69 21.72
C THR A 809 1.66 40.83 23.01
N GLU A 810 2.01 41.76 23.85
CA GLU A 810 1.39 41.95 25.17
C GLU A 810 -0.15 42.11 25.08
N ASN A 811 -0.65 42.86 24.12
CA ASN A 811 -2.01 43.47 24.18
C ASN A 811 -2.91 42.66 23.25
N ARG A 812 -2.47 41.48 22.86
CA ARG A 812 -3.16 40.70 21.80
C ARG A 812 -3.31 39.24 22.24
N VAL A 813 -4.48 38.68 22.02
CA VAL A 813 -4.66 37.22 22.14
C VAL A 813 -4.02 36.64 20.88
N ASP A 814 -2.80 36.18 20.96
CA ASP A 814 -2.08 35.67 19.76
C ASP A 814 -1.94 34.13 19.92
N ALA A 815 -0.96 33.50 19.27
CA ALA A 815 -0.79 32.03 19.41
C ALA A 815 -0.52 31.71 20.86
N TRP A 816 -0.03 32.67 21.65
CA TRP A 816 0.34 32.44 23.08
C TRP A 816 -0.76 32.94 23.98
N GLY A 817 -1.96 33.07 23.44
CA GLY A 817 -3.04 33.50 24.33
C GLY A 817 -2.79 34.91 24.72
N LYS A 818 -3.21 35.33 25.90
CA LYS A 818 -2.93 36.72 26.36
C LYS A 818 -2.70 36.66 27.87
N VAL A 819 -1.66 37.29 28.34
CA VAL A 819 -1.26 37.28 29.77
C VAL A 819 -1.32 38.70 30.28
N GLU A 820 -2.16 39.00 31.25
CA GLU A 820 -2.13 40.30 31.95
C GLU A 820 -1.63 40.08 33.36
N PHE A 821 -0.53 40.73 33.76
CA PHE A 821 0.03 40.68 35.13
C PHE A 821 -0.77 41.59 36.06
N ALA A 822 -0.90 41.18 37.31
CA ALA A 822 -1.40 41.96 38.44
C ALA A 822 -0.50 43.16 38.62
N ASP A 823 -1.06 44.23 39.14
CA ASP A 823 -0.23 45.35 39.63
C ASP A 823 0.59 44.81 40.81
N ASN A 824 1.75 45.40 41.07
CA ASN A 824 2.59 45.20 42.28
C ASN A 824 1.81 45.46 43.56
N SER A 825 0.73 46.24 43.48
CA SER A 825 -0.07 46.69 44.64
C SER A 825 -0.92 45.53 45.21
N VAL A 826 -0.80 44.34 44.64
CA VAL A 826 -1.64 43.17 45.05
C VAL A 826 -1.01 42.59 46.32
N LEU A 827 0.33 42.54 46.37
CA LEU A 827 1.12 42.14 47.56
C LEU A 827 0.57 42.85 48.82
N GLN A 828 0.54 44.18 48.86
CA GLN A 828 0.04 44.92 50.05
C GLN A 828 -1.43 44.53 50.32
N ALA A 829 -2.28 44.56 49.31
CA ALA A 829 -3.74 44.33 49.44
C ALA A 829 -4.00 42.97 50.09
N ARG A 830 -3.28 41.93 49.64
CA ARG A 830 -3.50 40.51 49.99
C ARG A 830 -2.60 40.06 51.18
N ASN A 831 -1.78 40.98 51.71
CA ASN A 831 -0.88 40.85 52.90
C ASN A 831 0.23 39.83 52.63
N LEU A 832 0.53 39.55 51.35
CA LEU A 832 1.65 38.73 50.83
C LEU A 832 3.04 39.36 51.12
N VAL A 833 3.11 40.62 51.56
CA VAL A 833 4.38 41.32 51.93
C VAL A 833 4.98 40.61 53.16
N ASP A 834 4.12 39.99 54.00
CA ASP A 834 4.51 39.19 55.20
C ASP A 834 5.06 37.82 54.77
N LYS A 835 4.70 37.29 53.60
CA LYS A 835 5.37 36.12 52.99
C LYS A 835 6.75 36.54 52.47
N THR A 836 7.75 35.65 52.49
CA THR A 836 9.07 35.90 51.90
C THR A 836 9.02 35.48 50.45
N VAL A 837 10.10 35.78 49.74
CA VAL A 837 10.29 35.38 48.32
C VAL A 837 10.33 33.87 48.21
N ASP A 838 10.87 33.17 49.21
CA ASP A 838 11.15 31.71 49.08
C ASP A 838 9.82 30.96 49.27
N GLU A 839 9.06 31.35 50.30
CA GLU A 839 7.64 30.97 50.52
C GLU A 839 6.83 31.12 49.23
N ILE A 840 6.68 32.35 48.73
CA ILE A 840 5.93 32.65 47.47
C ILE A 840 6.50 31.78 46.39
N ILE A 841 7.82 31.69 46.27
CA ILE A 841 8.44 30.99 45.11
C ILE A 841 8.11 29.51 45.17
N ASN A 842 7.81 28.94 46.35
CA ASN A 842 7.42 27.51 46.53
C ASN A 842 5.92 27.37 46.85
N THR A 843 5.06 28.02 46.06
CA THR A 843 3.59 28.13 46.31
C THR A 843 2.96 28.54 45.00
N PRO A 844 2.94 27.60 44.04
CA PRO A 844 2.67 27.94 42.64
C PRO A 844 1.23 28.45 42.56
N GLU A 845 0.35 28.07 43.50
CA GLU A 845 -1.05 28.55 43.45
C GLU A 845 -1.11 30.04 43.78
N ILE A 846 -0.26 30.53 44.70
CA ILE A 846 -0.11 31.99 44.98
C ILE A 846 0.32 32.67 43.67
N LEU A 847 1.25 32.07 42.93
CA LEU A 847 1.86 32.87 41.84
C LEU A 847 1.11 32.66 40.53
N ASN A 848 0.14 31.76 40.44
CA ASN A 848 -0.92 31.78 39.40
C ASN A 848 -1.85 32.99 39.63
N SER A 849 -1.92 33.55 40.85
CA SER A 849 -2.77 34.73 41.18
C SER A 849 -2.08 36.06 40.75
N PHE A 850 -0.91 35.96 40.12
CA PHE A 850 -0.12 37.11 39.65
C PHE A 850 -0.44 37.38 38.18
N PHE A 851 -1.29 36.61 37.52
CA PHE A 851 -1.68 36.95 36.15
C PHE A 851 -3.07 36.40 35.87
N ARG A 852 -3.73 36.96 34.87
CA ARG A 852 -5.01 36.47 34.30
C ARG A 852 -4.69 36.15 32.82
N PHE A 853 -5.08 34.96 32.38
CA PHE A 853 -4.67 34.35 31.08
C PHE A 853 -5.91 34.21 30.22
N THR A 854 -5.86 34.54 28.94
CA THR A 854 -7.01 34.38 28.03
C THR A 854 -6.54 33.40 26.98
N PRO A 855 -7.14 32.23 26.88
CA PRO A 855 -6.58 31.27 25.96
C PRO A 855 -7.04 31.67 24.55
N ALA A 856 -6.17 31.40 23.58
CA ALA A 856 -6.48 31.55 22.15
C ALA A 856 -7.35 30.39 21.67
N PHE A 857 -7.19 29.19 22.20
CA PHE A 857 -8.03 28.00 21.91
C PHE A 857 -8.42 27.35 23.21
N GLU A 858 -9.57 26.69 23.26
CA GLU A 858 -10.16 26.14 24.50
C GLU A 858 -9.13 25.25 25.18
N ASP A 859 -9.00 25.40 26.50
CA ASP A 859 -8.19 24.47 27.33
C ASP A 859 -6.67 24.58 27.03
N GLN A 860 -6.23 25.63 26.33
CA GLN A 860 -4.83 26.06 26.26
C GLN A 860 -4.41 26.52 27.65
N LYS A 861 -3.24 26.09 28.15
CA LYS A 861 -2.87 26.36 29.55
C LYS A 861 -1.57 27.16 29.63
N ALA A 862 -1.39 27.78 30.78
CA ALA A 862 -0.27 28.68 31.05
C ALA A 862 -0.01 28.70 32.54
N THR A 863 1.26 28.75 32.93
CA THR A 863 1.74 28.97 34.34
C THR A 863 2.86 30.02 34.34
N LEU A 864 3.15 30.53 35.53
CA LEU A 864 4.27 31.46 35.77
C LEU A 864 5.42 30.65 36.37
N VAL A 865 6.60 30.74 35.75
CA VAL A 865 7.89 30.28 36.32
C VAL A 865 8.45 31.47 37.12
N ALA A 866 8.80 31.29 38.39
CA ALA A 866 9.37 32.35 39.25
C ALA A 866 10.89 32.17 39.38
N THR A 867 11.57 33.31 39.52
CA THR A 867 13.04 33.45 39.67
C THR A 867 13.29 34.49 40.76
N LYS A 868 14.04 34.14 41.79
CA LYS A 868 14.47 35.10 42.83
C LYS A 868 15.40 36.16 42.20
N GLN A 869 15.17 37.44 42.52
CA GLN A 869 15.92 38.56 41.91
C GLN A 869 16.72 39.25 43.01
N SER A 870 16.14 39.42 44.16
CA SER A 870 16.82 39.95 45.36
C SER A 870 16.18 39.30 46.59
N ASP A 871 16.62 39.69 47.78
CA ASP A 871 16.00 39.33 49.07
C ASP A 871 14.52 39.68 49.12
N THR A 872 14.04 40.58 48.27
CA THR A 872 12.79 41.37 48.52
C THR A 872 11.88 41.28 47.31
N SER A 873 12.31 40.56 46.27
CA SER A 873 11.71 40.64 44.93
C SER A 873 11.97 39.38 44.12
N LEU A 874 11.03 39.05 43.23
CA LEU A 874 11.18 37.99 42.21
C LEU A 874 10.65 38.49 40.85
N SER A 875 10.92 37.74 39.78
CA SER A 875 10.27 37.89 38.47
C SER A 875 9.58 36.59 38.07
N VAL A 876 8.58 36.74 37.24
CA VAL A 876 7.74 35.67 36.70
C VAL A 876 7.68 35.85 35.19
N SER A 877 7.47 34.75 34.50
CA SER A 877 7.60 34.63 33.03
C SER A 877 6.71 33.47 32.65
N PRO A 878 5.79 33.64 31.70
CA PRO A 878 4.78 32.62 31.45
C PRO A 878 5.39 31.41 30.72
N ARG A 879 4.84 30.25 31.05
CA ARG A 879 5.04 28.95 30.37
C ARG A 879 3.68 28.60 29.76
N ILE A 880 3.60 28.50 28.43
CA ILE A 880 2.30 28.55 27.72
C ILE A 880 2.22 27.37 26.75
N GLN A 881 1.07 26.68 26.64
CA GLN A 881 0.97 25.60 25.64
C GLN A 881 0.74 26.19 24.28
N PHE A 882 1.40 25.61 23.28
CA PHE A 882 1.17 25.81 21.85
C PHE A 882 0.12 24.81 21.42
N LEU A 883 -0.10 24.76 20.11
CA LEU A 883 -1.10 23.94 19.42
C LEU A 883 -0.75 22.46 19.56
N ASP A 884 0.47 22.14 19.86
CA ASP A 884 0.92 20.72 19.83
C ASP A 884 0.79 20.12 21.24
N GLY A 885 0.21 20.83 22.22
CA GLY A 885 0.02 20.31 23.58
C GLY A 885 1.23 20.50 24.49
N ASN A 886 2.30 21.10 23.96
CA ASN A 886 3.60 21.25 24.67
C ASN A 886 3.70 22.66 25.22
N PHE A 887 4.40 22.80 26.33
CA PHE A 887 4.64 24.08 26.99
C PHE A 887 5.92 24.69 26.44
N TYR A 888 5.92 26.01 26.18
CA TYR A 888 7.14 26.75 25.79
C TYR A 888 7.33 27.89 26.79
N ASP A 889 8.60 28.25 27.00
CA ASP A 889 9.04 29.33 27.92
C ASP A 889 10.32 29.93 27.35
N LEU A 890 10.99 30.81 28.08
CA LEU A 890 12.20 31.55 27.60
C LEU A 890 13.30 30.58 27.15
N ASN A 891 13.45 29.43 27.80
CA ASN A 891 14.59 28.51 27.56
C ASN A 891 14.27 27.41 26.56
N SER A 892 13.09 27.37 25.96
CA SER A 892 12.71 26.29 25.03
C SER A 892 13.67 26.20 23.83
N THR A 893 13.94 24.97 23.40
CA THR A 893 14.62 24.65 22.14
C THR A 893 13.80 23.65 21.32
N ILE A 894 14.10 23.65 20.03
CA ILE A 894 13.87 22.58 19.05
C ILE A 894 15.23 22.24 18.42
N ALA A 895 15.60 20.96 18.42
CA ALA A 895 16.84 20.51 17.80
C ALA A 895 17.96 21.30 18.45
N GLY A 896 17.77 21.72 19.69
CA GLY A 896 18.86 22.30 20.50
C GLY A 896 19.01 23.80 20.26
N VAL A 897 18.20 24.36 19.36
CA VAL A 897 18.30 25.79 18.93
C VAL A 897 17.32 26.59 19.77
N PRO A 898 17.78 27.58 20.55
CA PRO A 898 16.84 28.33 21.39
C PRO A 898 15.79 28.98 20.50
N LEU A 899 14.52 28.92 20.87
CA LEU A 899 13.46 29.55 20.04
C LEU A 899 13.41 31.05 20.27
N ASN A 900 13.69 31.54 21.48
CA ASN A 900 13.71 33.00 21.74
C ASN A 900 12.36 33.58 21.29
N ILE A 901 11.30 33.06 21.85
CA ILE A 901 9.91 33.39 21.47
C ILE A 901 9.61 34.82 21.93
N GLY A 902 10.04 35.18 23.14
CA GLY A 902 9.76 36.58 23.51
C GLY A 902 8.72 36.72 24.60
N PHE A 903 8.53 35.70 25.41
CA PHE A 903 7.68 35.79 26.63
C PHE A 903 8.22 36.91 27.50
N PRO A 904 7.33 37.62 28.20
CA PRO A 904 7.73 38.71 29.05
C PRO A 904 8.27 38.17 30.38
N SER A 905 8.82 39.07 31.19
CA SER A 905 9.28 38.85 32.59
C SER A 905 8.66 39.96 33.40
N ARG A 906 8.32 39.79 34.64
CA ARG A 906 7.60 40.84 35.36
C ARG A 906 8.12 40.81 36.79
N VAL A 907 8.75 41.89 37.26
CA VAL A 907 9.18 41.96 38.68
C VAL A 907 7.98 42.27 39.57
N PHE A 908 7.88 41.50 40.66
CA PHE A 908 7.11 41.81 41.88
C PHE A 908 8.08 42.06 43.03
N ALA A 909 7.80 43.04 43.87
CA ALA A 909 8.76 43.41 44.94
C ALA A 909 8.01 43.95 46.14
N GLY A 910 8.68 44.03 47.31
CA GLY A 910 8.07 44.43 48.59
C GLY A 910 7.80 43.24 49.53
N PHE A 911 8.10 42.01 49.12
CA PHE A 911 8.07 40.80 49.99
C PHE A 911 9.11 40.97 51.09
N ALA A 912 8.86 40.39 52.27
CA ALA A 912 9.78 40.44 53.44
C ALA A 912 10.97 39.49 53.30
N ALA A 913 12.05 39.74 54.05
CA ALA A 913 13.06 38.71 54.42
C ALA A 913 12.76 38.31 55.88
N LEU A 914 12.66 37.01 56.17
CA LEU A 914 12.32 36.56 57.55
C LEU A 914 13.64 36.41 58.33
C2 BGC B . -26.14 -28.54 -23.33
C3 BGC B . -27.11 -27.47 -22.86
C4 BGC B . -28.48 -27.62 -23.51
C5 BGC B . -28.45 -28.32 -24.89
C6 BGC B . -27.78 -27.45 -25.97
C1 BGC B . -26.95 -29.83 -23.64
O1 BGC B . -26.12 -30.98 -23.83
O2 BGC B . -25.10 -28.73 -22.34
O3 BGC B . -26.61 -26.19 -23.20
O4 BGC B . -29.26 -28.45 -22.64
O5 BGC B . -27.82 -29.62 -24.80
O6 BGC B . -28.61 -27.43 -27.13
C1 GAL B . -30.33 -27.81 -21.96
C2 GAL B . -31.22 -28.88 -21.36
C3 GAL B . -32.52 -28.14 -21.09
C4 GAL B . -32.22 -27.20 -19.93
C5 GAL B . -30.84 -26.45 -20.01
C6 GAL B . -30.00 -26.33 -18.73
O2 GAL B . -31.41 -30.03 -22.20
O3 GAL B . -33.57 -29.09 -20.86
O4 GAL B . -32.38 -28.01 -18.76
O5 GAL B . -29.85 -26.96 -20.91
O6 GAL B . -28.73 -25.97 -19.29
C1 SIA B . -28.25 -24.32 -17.50
C2 SIA B . -27.71 -25.29 -18.53
C3 SIA B . -26.78 -24.60 -19.54
C4 SIA B . -25.40 -24.24 -18.98
C5 SIA B . -24.72 -25.39 -18.24
C6 SIA B . -25.73 -25.98 -17.28
C7 SIA B . -25.18 -27.24 -16.62
C8 SIA B . -26.23 -27.69 -15.61
C9 SIA B . -25.63 -28.53 -14.50
C10 SIA B . -22.31 -25.23 -17.63
C11 SIA B . -21.37 -24.55 -16.64
N5 SIA B . -23.60 -24.90 -17.46
O1A SIA B . -28.54 -24.69 -16.34
O1B SIA B . -28.42 -23.13 -17.80
O4 SIA B . -24.52 -23.82 -20.02
O6 SIA B . -26.97 -26.32 -17.89
O7 SIA B . -24.89 -28.31 -17.57
O8 SIA B . -26.82 -26.53 -15.05
O9 SIA B . -26.66 -29.15 -13.73
O10 SIA B . -21.91 -26.00 -18.48
K K C . -0.05 37.46 23.70
P PO4 D . 17.25 26.20 5.45
O1 PO4 D . 15.83 26.38 5.96
O2 PO4 D . 17.25 26.31 3.91
O3 PO4 D . 17.81 24.82 5.84
O4 PO4 D . 18.16 27.32 6.05
#